data_5KD4
#
_entry.id   5KD4
#
_cell.length_a   47.130
_cell.length_b   90.300
_cell.length_c   120.070
_cell.angle_alpha   90.00
_cell.angle_beta   113.19
_cell.angle_gamma   90.00
#
_symmetry.space_group_name_H-M   'P 1 21 1'
#
loop_
_entity.id
_entity.type
_entity.pdbx_description
1 polymer 'H-2 class I histocompatibility antigen, D-D alpha chain'
2 polymer Beta-2-microglobulin
3 polymer 'Peptide of HIV gp120 MN isolate, PVI10 (IGPGRAFYVI)'
#
loop_
_entity_poly.entity_id
_entity_poly.type
_entity_poly.pdbx_seq_one_letter_code
_entity_poly.pdbx_strand_id
1 'polypeptide(L)'
;MSHSLRYFVTAVSRPGFGEPRYMEVGYVDNTEFVRFDSDAENPRYEPRARWIEQEGPEYWERETRRAKGNEQSFRVDLRT
ALRYYNQSAGGSHTLQWMAGCDVESDGRLLRGYWQFAYDGCDYIALNEDLKTWTAADMAAQITRRKWEQAGAAERDRAYL
EGECVEWLRRYLKNGNATLLRTDPPKAHVTHHRRPEGDVTLRCWALGFYPADITLTWQLNGEELTQEMELVETRPAGDGT
FQKWASVVVPLGKEQKYTCHVEHEGLPEPLTLRWGKE
;
A,C
2 'polypeptide(L)'
;MIQKTPQIQVYSRHPPENGKPNILNCYVTQFHPPHIEIQMLKNGKKIPKVEMSDMSFSKDWSFYILAHTEFTPTETDTYA
CRVKHASMAEPKTVYWDRDM
;
B,D
3 'polypeptide(L)' IGPGRAFYVI P,Q
#
# COMPACT_ATOMS: atom_id res chain seq x y z
N SER A 2 2.77 9.31 3.62
CA SER A 2 1.86 9.77 4.67
C SER A 2 2.57 9.76 6.04
N HIS A 3 2.59 10.92 6.67
CA HIS A 3 3.22 11.09 7.97
C HIS A 3 2.25 11.46 9.08
N SER A 4 2.66 11.22 10.33
CA SER A 4 1.85 11.52 11.51
C SER A 4 2.69 12.05 12.67
N LEU A 5 2.14 13.01 13.41
CA LEU A 5 2.73 13.49 14.66
C LEU A 5 1.81 13.11 15.80
N ARG A 6 2.29 12.26 16.69
CA ARG A 6 1.47 11.67 17.75
C ARG A 6 2.08 11.86 19.13
N TYR A 7 1.26 12.16 20.12
CA TYR A 7 1.71 12.32 21.51
C TYR A 7 0.98 11.38 22.48
N PHE A 8 1.74 10.67 23.32
CA PHE A 8 1.15 9.76 24.30
C PHE A 8 1.34 10.26 25.75
N VAL A 9 0.25 10.57 26.44
CA VAL A 9 0.31 11.15 27.79
C VAL A 9 -0.26 10.22 28.86
N THR A 10 0.47 10.05 29.96
CA THR A 10 0.03 9.21 31.07
C THR A 10 0.25 9.77 32.48
N ALA A 11 -0.81 9.79 33.29
CA ALA A 11 -0.69 10.16 34.70
C ALA A 11 -1.25 9.06 35.61
N VAL A 12 -0.41 8.58 36.53
CA VAL A 12 -0.82 7.51 37.43
C VAL A 12 -0.70 7.92 38.89
N SER A 13 -1.75 7.68 39.66
CA SER A 13 -1.76 8.05 41.07
C SER A 13 -0.99 7.02 41.91
N ARG A 14 -0.43 7.49 43.02
CA ARG A 14 0.29 6.62 43.95
C ARG A 14 -0.02 7.06 45.38
N PRO A 15 -1.08 6.49 45.96
CA PRO A 15 -1.62 6.74 47.31
C PRO A 15 -0.61 6.53 48.44
N GLY A 16 -0.34 7.58 49.21
CA GLY A 16 0.57 7.48 50.34
C GLY A 16 1.95 7.86 49.83
N PHE A 17 2.14 7.49 48.57
CA PHE A 17 3.44 7.56 47.90
C PHE A 17 3.58 8.93 47.24
N GLY A 18 2.96 9.91 47.88
CA GLY A 18 2.99 11.31 47.49
C GLY A 18 2.28 11.64 46.18
N GLU A 19 2.83 12.62 45.47
CA GLU A 19 2.27 13.12 44.22
C GLU A 19 2.33 12.03 43.12
N PRO A 20 1.31 11.96 42.25
CA PRO A 20 1.30 11.02 41.11
C PRO A 20 2.36 11.29 40.05
N ARG A 21 2.64 10.29 39.22
CA ARG A 21 3.61 10.43 38.14
C ARG A 21 3.02 10.91 36.82
N TYR A 22 3.50 12.04 36.31
CA TYR A 22 3.03 12.54 35.02
C TYR A 22 4.14 12.50 33.99
N MET A 23 3.84 11.90 32.84
CA MET A 23 4.85 11.77 31.78
C MET A 23 4.27 11.98 30.39
N GLU A 24 5.12 12.43 29.47
CA GLU A 24 4.73 12.63 28.06
C GLU A 24 5.77 12.11 27.08
N VAL A 25 5.33 11.39 26.06
CA VAL A 25 6.24 10.92 25.02
C VAL A 25 5.73 11.32 23.63
N GLY A 26 6.57 11.97 22.84
CA GLY A 26 6.19 12.40 21.50
C GLY A 26 6.80 11.58 20.37
N TYR A 27 6.03 11.32 19.32
CA TYR A 27 6.52 10.53 18.17
C TYR A 27 6.29 11.23 16.82
N VAL A 28 7.19 11.02 15.88
CA VAL A 28 6.89 11.32 14.48
C VAL A 28 7.01 10.05 13.67
N ASP A 29 5.92 9.67 13.02
CA ASP A 29 5.82 8.36 12.42
C ASP A 29 6.13 7.34 13.52
N ASN A 30 7.21 6.60 13.35
CA ASN A 30 7.56 5.57 14.32
C ASN A 30 8.81 5.96 15.10
N THR A 31 9.11 7.25 15.10
CA THR A 31 10.34 7.74 15.70
C THR A 31 10.05 8.63 16.92
N GLU A 32 10.57 8.22 18.07
CA GLU A 32 10.50 8.97 19.32
C GLU A 32 11.46 10.15 19.30
N PHE A 33 11.03 11.31 19.81
CA PHE A 33 11.93 12.46 19.82
C PHE A 33 11.90 13.36 21.07
N VAL A 34 10.85 13.26 21.87
CA VAL A 34 10.76 14.05 23.11
C VAL A 34 10.22 13.23 24.29
N ARG A 35 10.59 13.63 25.51
CA ARG A 35 10.20 12.88 26.71
C ARG A 35 9.90 13.80 27.91
N PHE A 36 9.02 13.35 28.81
CA PHE A 36 8.72 14.04 30.06
C PHE A 36 8.49 13.02 31.17
N ASP A 37 9.04 13.26 32.36
CA ASP A 37 8.81 12.37 33.51
C ASP A 37 8.85 13.11 34.83
N SER A 38 7.74 13.04 35.57
CA SER A 38 7.60 13.79 36.81
C SER A 38 8.40 13.21 37.98
N ASP A 39 8.99 12.03 37.80
CA ASP A 39 9.81 11.47 38.85
C ASP A 39 11.27 11.85 38.66
N ALA A 40 11.57 12.65 37.64
CA ALA A 40 12.93 13.16 37.53
C ALA A 40 12.96 14.44 38.35
N GLU A 41 14.04 14.64 39.10
CA GLU A 41 14.17 15.86 39.89
C GLU A 41 14.42 17.04 38.95
N ASN A 42 13.73 18.15 39.22
CA ASN A 42 13.70 19.30 38.33
C ASN A 42 13.18 18.89 36.96
N PRO A 43 11.88 18.54 36.88
CA PRO A 43 11.22 17.99 35.68
C PRO A 43 11.15 18.99 34.53
N ARG A 44 11.91 18.74 33.46
CA ARG A 44 11.92 19.60 32.29
C ARG A 44 11.85 18.72 31.05
N TYR A 45 11.51 19.32 29.91
CA TYR A 45 11.47 18.63 28.62
C TYR A 45 12.84 18.37 27.99
N GLU A 46 13.03 17.15 27.49
CA GLU A 46 14.30 16.74 26.88
C GLU A 46 14.08 16.06 25.54
N PRO A 47 15.04 16.21 24.60
CA PRO A 47 15.06 15.61 23.26
C PRO A 47 15.41 14.12 23.30
N ARG A 48 14.74 13.32 22.48
CA ARG A 48 15.00 11.89 22.46
C ARG A 48 15.49 11.41 21.10
N ALA A 49 15.72 12.36 20.21
CA ALA A 49 16.27 12.06 18.90
C ALA A 49 17.28 13.13 18.52
N ARG A 50 18.43 12.69 18.03
CA ARG A 50 19.57 13.56 17.81
C ARG A 50 19.24 14.72 16.85
N TRP A 51 18.28 14.50 15.95
CA TRP A 51 17.94 15.52 14.98
C TRP A 51 17.04 16.64 15.51
N ILE A 52 16.51 16.48 16.72
CA ILE A 52 15.65 17.52 17.29
C ILE A 52 16.40 18.44 18.25
N GLU A 53 17.48 17.95 18.85
CA GLU A 53 18.14 18.67 19.94
C GLU A 53 18.59 20.07 19.58
N GLN A 54 18.73 20.34 18.28
CA GLN A 54 19.15 21.67 17.86
C GLN A 54 17.93 22.57 17.60
N GLU A 55 16.80 22.21 18.18
CA GLU A 55 15.76 23.21 18.31
C GLU A 55 16.20 24.08 19.48
N GLY A 56 15.64 25.27 19.62
CA GLY A 56 16.21 26.21 20.58
C GLY A 56 15.58 26.18 21.94
N PRO A 57 16.09 27.02 22.84
CA PRO A 57 15.61 27.12 24.22
C PRO A 57 14.21 27.69 24.34
N GLU A 58 13.83 28.56 23.40
CA GLU A 58 12.51 29.17 23.41
C GLU A 58 11.48 28.09 23.12
N TYR A 59 11.92 27.03 22.44
CA TYR A 59 11.10 25.88 22.13
C TYR A 59 10.89 25.02 23.37
N TRP A 60 12.00 24.69 24.03
CA TRP A 60 11.98 23.78 25.18
C TRP A 60 11.30 24.40 26.39
N GLU A 61 11.54 25.68 26.60
CA GLU A 61 10.93 26.36 27.74
C GLU A 61 9.42 26.38 27.51
N ARG A 62 9.00 26.71 26.29
CA ARG A 62 7.58 26.68 25.93
C ARG A 62 6.98 25.27 26.08
N GLU A 63 7.81 24.25 25.93
CA GLU A 63 7.34 22.87 26.05
C GLU A 63 7.32 22.43 27.51
N THR A 64 8.24 22.99 28.30
CA THR A 64 8.22 22.76 29.73
C THR A 64 6.97 23.41 30.33
N ARG A 65 6.65 24.61 29.85
CA ARG A 65 5.50 25.35 30.32
C ARG A 65 4.21 24.60 30.03
N ARG A 66 4.11 24.09 28.82
CA ARG A 66 2.92 23.35 28.38
C ARG A 66 2.65 22.09 29.21
N ALA A 67 3.70 21.31 29.44
CA ALA A 67 3.57 20.05 30.17
C ALA A 67 3.16 20.27 31.60
N LYS A 68 3.95 21.06 32.32
CA LYS A 68 3.67 21.41 33.72
C LYS A 68 2.24 21.90 33.92
N GLY A 69 1.74 22.65 32.94
CA GLY A 69 0.36 23.10 32.97
C GLY A 69 -0.58 21.91 32.93
N ASN A 70 -0.30 20.99 32.02
CA ASN A 70 -1.08 19.77 31.90
C ASN A 70 -0.96 18.86 33.13
N GLU A 71 0.19 18.91 33.78
CA GLU A 71 0.44 18.08 34.95
C GLU A 71 -0.65 18.35 35.99
N GLN A 72 -0.95 19.63 36.16
CA GLN A 72 -2.00 20.07 37.09
C GLN A 72 -3.39 19.57 36.72
N SER A 73 -3.78 19.71 35.45
CA SER A 73 -5.09 19.24 35.00
C SER A 73 -5.29 17.76 35.30
N PHE A 74 -4.25 16.97 35.12
CA PHE A 74 -4.38 15.56 35.36
C PHE A 74 -4.48 15.19 36.84
N ARG A 75 -3.82 15.92 37.73
CA ARG A 75 -4.01 15.64 39.15
C ARG A 75 -5.46 15.92 39.55
N VAL A 76 -5.98 17.03 39.06
CA VAL A 76 -7.34 17.45 39.36
C VAL A 76 -8.36 16.53 38.69
N ASP A 77 -8.06 16.14 37.46
CA ASP A 77 -8.88 15.19 36.73
C ASP A 77 -8.96 13.85 37.45
N LEU A 78 -7.87 13.46 38.10
CA LEU A 78 -7.79 12.17 38.77
C LEU A 78 -8.78 12.05 39.91
N ARG A 79 -8.89 13.10 40.72
CA ARG A 79 -9.78 13.09 41.88
C ARG A 79 -11.23 13.12 41.46
N THR A 80 -11.50 13.74 40.30
CA THR A 80 -12.84 13.79 39.74
C THR A 80 -13.29 12.36 39.39
N ALA A 81 -12.35 11.54 38.93
CA ALA A 81 -12.64 10.15 38.60
C ALA A 81 -13.11 9.36 39.82
N LEU A 82 -12.63 9.74 40.99
CA LEU A 82 -13.00 9.01 42.20
C LEU A 82 -14.43 9.32 42.63
N ARG A 83 -15.00 10.41 42.11
CA ARG A 83 -16.37 10.74 42.46
C ARG A 83 -17.38 10.29 41.42
N TYR A 84 -17.05 10.40 40.13
CA TYR A 84 -17.91 9.85 39.08
C TYR A 84 -18.19 8.35 39.27
N TYR A 85 -17.23 7.63 39.87
CA TYR A 85 -17.32 6.19 40.05
C TYR A 85 -17.41 5.68 41.50
N ASN A 86 -17.30 6.57 42.48
CA ASN A 86 -17.30 6.15 43.89
C ASN A 86 -16.28 5.06 44.21
N GLN A 87 -15.00 5.33 44.00
CA GLN A 87 -13.99 4.33 44.29
C GLN A 87 -13.20 4.70 45.54
N SER A 88 -12.49 3.72 46.08
CA SER A 88 -11.73 3.92 47.30
C SER A 88 -10.68 4.99 47.13
N ALA A 89 -10.38 5.71 48.20
CA ALA A 89 -9.29 6.68 48.16
C ALA A 89 -8.02 5.96 48.58
N GLY A 90 -8.05 4.63 48.53
CA GLY A 90 -6.91 3.83 48.93
C GLY A 90 -6.12 3.32 47.74
N GLY A 91 -6.82 3.01 46.65
CA GLY A 91 -6.16 2.45 45.49
C GLY A 91 -5.64 3.46 44.48
N SER A 92 -4.68 3.01 43.67
CA SER A 92 -4.05 3.83 42.65
C SER A 92 -4.76 3.63 41.33
N HIS A 93 -4.87 4.69 40.55
CA HIS A 93 -5.55 4.61 39.26
C HIS A 93 -4.75 5.23 38.11
N THR A 94 -5.20 4.91 36.90
CA THR A 94 -4.44 5.21 35.69
C THR A 94 -5.31 5.97 34.70
N LEU A 95 -4.81 7.11 34.27
CA LEU A 95 -5.51 7.93 33.29
C LEU A 95 -4.64 8.15 32.04
N GLN A 96 -5.17 7.80 30.87
CA GLN A 96 -4.41 7.88 29.61
C GLN A 96 -4.95 8.91 28.62
N TRP A 97 -4.09 9.35 27.70
CA TRP A 97 -4.45 10.41 26.76
C TRP A 97 -3.58 10.39 25.53
N MET A 98 -4.23 10.34 24.36
CA MET A 98 -3.56 10.27 23.07
C MET A 98 -4.12 11.32 22.11
N ALA A 99 -3.23 12.14 21.56
CA ALA A 99 -3.64 13.17 20.62
C ALA A 99 -2.62 13.32 19.47
N GLY A 100 -3.13 13.42 18.25
CA GLY A 100 -2.27 13.54 17.10
C GLY A 100 -2.98 13.74 15.77
N CYS A 101 -2.22 13.66 14.67
CA CYS A 101 -2.74 13.93 13.34
C CYS A 101 -2.07 13.05 12.30
N ASP A 102 -2.85 12.59 11.32
CA ASP A 102 -2.33 11.84 10.17
C ASP A 102 -2.33 12.76 8.98
N VAL A 103 -1.14 13.01 8.42
CA VAL A 103 -1.00 14.01 7.36
C VAL A 103 -0.46 13.41 6.07
N GLU A 104 -1.13 13.68 4.94
CA GLU A 104 -0.64 13.15 3.66
C GLU A 104 0.62 13.89 3.27
N SER A 105 1.37 13.30 2.36
CA SER A 105 2.65 13.86 1.96
C SER A 105 2.48 15.24 1.37
N ASP A 106 1.28 15.51 0.87
CA ASP A 106 0.98 16.77 0.20
C ASP A 106 0.54 17.84 1.20
N GLY A 107 0.78 17.57 2.48
CA GLY A 107 0.55 18.52 3.55
C GLY A 107 -0.86 18.46 4.12
N ARG A 108 -1.73 17.74 3.45
CA ARG A 108 -3.12 17.61 3.90
C ARG A 108 -3.23 16.50 4.94
N LEU A 109 -4.08 16.71 5.95
CA LEU A 109 -4.30 15.70 6.98
C LEU A 109 -5.42 14.72 6.61
N LEU A 110 -5.37 13.53 7.18
CA LEU A 110 -6.35 12.49 6.88
C LEU A 110 -7.17 12.17 8.11
N ARG A 111 -6.57 12.36 9.28
CA ARG A 111 -7.18 11.99 10.55
C ARG A 111 -6.48 12.69 11.70
N GLY A 112 -7.28 13.09 12.69
CA GLY A 112 -6.77 13.73 13.90
C GLY A 112 -7.36 13.09 15.16
N TYR A 113 -6.51 12.80 16.13
CA TYR A 113 -6.96 12.12 17.34
C TYR A 113 -6.91 13.03 18.58
N TRP A 114 -7.79 12.74 19.54
CA TRP A 114 -7.85 13.41 20.83
C TRP A 114 -8.80 12.56 21.67
N GLN A 115 -8.28 11.88 22.69
CA GLN A 115 -9.10 10.87 23.37
C GLN A 115 -8.47 10.36 24.67
N PHE A 116 -9.33 10.18 25.67
CA PHE A 116 -8.91 9.84 27.03
C PHE A 116 -9.39 8.47 27.41
N ALA A 117 -8.62 7.81 28.28
CA ALA A 117 -8.98 6.51 28.82
C ALA A 117 -8.69 6.48 30.31
N TYR A 118 -9.66 5.97 31.09
CA TYR A 118 -9.50 5.82 32.53
C TYR A 118 -9.36 4.36 32.96
N ASP A 119 -8.35 4.11 33.79
CA ASP A 119 -8.04 2.79 34.31
C ASP A 119 -8.02 1.77 33.19
N GLY A 120 -7.31 2.10 32.11
CA GLY A 120 -7.05 1.16 31.03
C GLY A 120 -8.17 0.94 30.05
N CYS A 121 -9.33 1.51 30.34
CA CYS A 121 -10.50 1.38 29.47
C CYS A 121 -10.84 2.74 28.87
N ASP A 122 -11.33 2.73 27.64
CA ASP A 122 -11.76 3.95 26.94
C ASP A 122 -12.67 4.81 27.82
N TYR A 123 -12.69 6.12 27.55
CA TYR A 123 -13.47 7.04 28.38
C TYR A 123 -14.19 8.04 27.47
N ILE A 124 -13.44 8.94 26.86
CA ILE A 124 -14.01 9.94 25.97
C ILE A 124 -13.08 10.10 24.79
N ALA A 125 -13.64 10.44 23.63
CA ALA A 125 -12.87 10.47 22.41
C ALA A 125 -13.44 11.46 21.39
N LEU A 126 -12.56 12.17 20.70
CA LEU A 126 -12.99 13.10 19.65
C LEU A 126 -13.29 12.33 18.38
N ASN A 127 -14.46 12.59 17.80
CA ASN A 127 -14.90 11.86 16.62
C ASN A 127 -14.10 12.25 15.38
N GLU A 128 -14.10 11.36 14.40
CA GLU A 128 -13.37 11.55 13.14
C GLU A 128 -13.66 12.88 12.46
N ASP A 129 -14.92 13.30 12.52
CA ASP A 129 -15.39 14.55 11.90
C ASP A 129 -14.96 15.76 12.72
N LEU A 130 -14.49 15.50 13.95
CA LEU A 130 -13.98 16.52 14.86
C LEU A 130 -15.02 17.55 15.27
N LYS A 131 -16.17 17.12 15.76
CA LYS A 131 -17.18 18.12 16.10
C LYS A 131 -17.88 17.83 17.43
N THR A 132 -18.17 16.57 17.69
CA THR A 132 -18.84 16.21 18.95
C THR A 132 -18.03 15.12 19.65
N TRP A 133 -18.31 14.90 20.93
CA TRP A 133 -17.56 13.93 21.71
C TRP A 133 -18.33 12.63 21.85
N THR A 134 -17.59 11.54 21.96
CA THR A 134 -18.17 10.23 22.24
C THR A 134 -17.82 9.81 23.66
N ALA A 135 -18.81 9.74 24.54
CA ALA A 135 -18.59 9.34 25.92
C ALA A 135 -18.94 7.88 26.09
N ALA A 136 -18.06 7.14 26.76
CA ALA A 136 -18.20 5.70 26.90
C ALA A 136 -19.33 5.32 27.83
N ASP A 137 -19.42 5.97 28.99
CA ASP A 137 -20.46 5.65 29.96
C ASP A 137 -21.13 6.87 30.60
N MET A 138 -22.02 6.59 31.54
CA MET A 138 -22.80 7.63 32.22
C MET A 138 -21.95 8.39 33.23
N ALA A 139 -20.78 7.84 33.54
CA ALA A 139 -19.77 8.58 34.28
C ALA A 139 -18.99 9.55 33.38
N ALA A 140 -18.74 9.14 32.14
CA ALA A 140 -18.02 9.97 31.17
C ALA A 140 -18.88 11.02 30.45
N GLN A 141 -20.19 10.83 30.47
CA GLN A 141 -21.10 11.71 29.76
C GLN A 141 -21.34 13.02 30.51
N ILE A 142 -21.01 12.99 31.80
CA ILE A 142 -21.01 14.21 32.61
C ILE A 142 -20.08 15.22 31.96
N THR A 143 -18.90 14.74 31.57
CA THR A 143 -17.87 15.56 30.97
C THR A 143 -18.30 16.11 29.62
N ARG A 144 -18.99 15.27 28.85
CA ARG A 144 -19.44 15.67 27.52
C ARG A 144 -20.25 16.96 27.58
N ARG A 145 -21.26 17.00 28.45
CA ARG A 145 -22.11 18.17 28.57
C ARG A 145 -21.31 19.40 28.98
N LYS A 146 -20.41 19.21 29.94
CA LYS A 146 -19.55 20.28 30.43
C LYS A 146 -18.72 20.88 29.32
N TRP A 147 -18.15 20.02 28.49
CA TRP A 147 -17.28 20.45 27.39
C TRP A 147 -18.01 20.84 26.10
N GLU A 148 -19.26 20.41 25.95
CA GLU A 148 -20.10 20.89 24.86
C GLU A 148 -20.53 22.35 25.09
N GLN A 149 -21.00 22.63 26.30
CA GLN A 149 -21.44 23.97 26.66
C GLN A 149 -20.27 24.96 26.65
N ALA A 150 -19.09 24.47 27.04
CA ALA A 150 -17.91 25.32 27.16
C ALA A 150 -17.18 25.45 25.84
N GLY A 151 -17.69 24.78 24.81
CA GLY A 151 -17.11 24.84 23.48
C GLY A 151 -15.67 24.38 23.50
N ALA A 152 -15.43 23.29 24.25
CA ALA A 152 -14.09 22.72 24.37
C ALA A 152 -13.60 22.16 23.03
N ALA A 153 -14.48 21.41 22.37
CA ALA A 153 -14.15 20.76 21.11
C ALA A 153 -13.47 21.68 20.09
N GLU A 154 -13.83 22.95 20.09
CA GLU A 154 -13.27 23.91 19.15
C GLU A 154 -11.78 24.11 19.33
N ARG A 155 -11.35 24.40 20.56
CA ARG A 155 -9.96 24.69 20.84
C ARG A 155 -9.10 23.49 20.49
N ASP A 156 -9.56 22.33 20.91
CA ASP A 156 -8.92 21.06 20.59
C ASP A 156 -8.73 20.92 19.07
N ARG A 157 -9.78 21.22 18.32
CA ARG A 157 -9.75 21.17 16.85
C ARG A 157 -8.70 22.08 16.24
N ALA A 158 -8.42 23.21 16.90
CA ALA A 158 -7.50 24.22 16.39
C ALA A 158 -6.03 23.79 16.40
N TYR A 159 -5.64 22.99 17.39
CA TYR A 159 -4.29 22.44 17.45
C TYR A 159 -4.06 21.50 16.29
N LEU A 160 -4.95 20.54 16.15
CA LEU A 160 -4.89 19.54 15.10
C LEU A 160 -4.78 20.19 13.72
N GLU A 161 -5.68 21.13 13.44
CA GLU A 161 -5.73 21.78 12.15
C GLU A 161 -4.53 22.72 11.97
N GLY A 162 -4.19 23.43 13.04
CA GLY A 162 -3.11 24.39 13.00
C GLY A 162 -1.74 23.83 13.32
N GLU A 163 -1.31 24.05 14.56
CA GLU A 163 0.06 23.77 15.03
C GLU A 163 0.59 22.37 14.73
N CYS A 164 -0.29 21.40 14.66
CA CYS A 164 0.15 20.04 14.47
C CYS A 164 0.73 19.89 13.07
N VAL A 165 -0.02 20.38 12.10
CA VAL A 165 0.33 20.34 10.69
C VAL A 165 1.56 21.20 10.43
N GLU A 166 1.56 22.40 11.02
CA GLU A 166 2.66 23.32 10.85
C GLU A 166 3.96 22.77 11.41
N TRP A 167 3.89 22.11 12.57
CA TRP A 167 5.13 21.64 13.19
C TRP A 167 5.60 20.32 12.61
N LEU A 168 4.70 19.55 12.02
CA LEU A 168 5.10 18.32 11.35
C LEU A 168 5.88 18.68 10.08
N ARG A 169 5.38 19.64 9.30
CA ARG A 169 6.08 20.12 8.11
C ARG A 169 7.48 20.62 8.50
N ARG A 170 7.55 21.34 9.62
CA ARG A 170 8.83 21.80 10.15
C ARG A 170 9.69 20.64 10.64
N TYR A 171 9.09 19.69 11.36
CA TYR A 171 9.85 18.53 11.85
C TYR A 171 10.42 17.72 10.70
N LEU A 172 9.61 17.57 9.66
CA LEU A 172 9.94 16.73 8.50
C LEU A 172 11.07 17.30 7.65
N LYS A 173 11.45 18.55 7.87
CA LYS A 173 12.56 19.09 7.09
C LYS A 173 13.89 18.95 7.85
N ASN A 174 13.84 18.91 9.17
CA ASN A 174 15.07 18.81 9.96
C ASN A 174 15.57 17.39 10.24
N GLY A 175 14.66 16.42 10.32
CA GLY A 175 15.06 15.07 10.66
C GLY A 175 14.82 14.09 9.53
N ASN A 176 14.84 14.60 8.30
CA ASN A 176 14.50 13.83 7.11
C ASN A 176 15.43 12.65 6.86
N ALA A 177 16.60 12.67 7.49
CA ALA A 177 17.56 11.59 7.32
C ALA A 177 16.96 10.29 7.79
N THR A 178 16.34 10.32 8.97
CA THR A 178 15.76 9.11 9.55
C THR A 178 14.25 9.06 9.41
N LEU A 179 13.62 10.19 9.16
CA LEU A 179 12.17 10.24 9.03
C LEU A 179 11.73 9.98 7.61
N LEU A 180 12.32 10.68 6.66
CA LEU A 180 11.98 10.49 5.26
C LEU A 180 12.80 9.33 4.76
N ARG A 181 12.54 8.15 5.31
CA ARG A 181 13.22 6.95 4.86
C ARG A 181 12.26 5.76 4.80
N THR A 182 12.44 4.90 3.82
CA THR A 182 11.70 3.65 3.77
C THR A 182 12.69 2.53 3.48
N ASP A 183 12.86 1.62 4.44
CA ASP A 183 13.85 0.56 4.30
C ASP A 183 13.15 -0.79 4.12
N PRO A 184 13.52 -1.53 3.08
CA PRO A 184 12.89 -2.80 2.73
C PRO A 184 13.18 -3.91 3.73
N PRO A 185 12.21 -4.83 3.92
CA PRO A 185 12.23 -6.03 4.77
C PRO A 185 13.20 -7.11 4.30
N LYS A 186 13.85 -7.83 5.21
CA LYS A 186 14.67 -8.96 4.80
C LYS A 186 13.96 -10.29 5.10
N ALA A 187 13.30 -10.86 4.11
CA ALA A 187 12.40 -11.98 4.37
C ALA A 187 12.96 -13.35 3.99
N HIS A 188 12.50 -14.36 4.73
CA HIS A 188 12.84 -15.75 4.47
C HIS A 188 11.95 -16.64 5.32
N VAL A 189 11.98 -17.93 5.05
CA VAL A 189 11.20 -18.88 5.82
C VAL A 189 12.15 -19.92 6.42
N THR A 190 11.87 -20.34 7.65
CA THR A 190 12.68 -21.34 8.33
C THR A 190 11.86 -22.58 8.72
N HIS A 191 12.54 -23.72 8.79
CA HIS A 191 11.92 -25.02 9.08
C HIS A 191 12.40 -25.55 10.41
N HIS A 192 11.48 -26.01 11.25
CA HIS A 192 11.87 -26.56 12.52
C HIS A 192 11.09 -27.83 12.80
N ARG A 193 11.79 -28.93 13.05
CA ARG A 193 11.11 -30.18 13.31
C ARG A 193 10.54 -30.14 14.72
N ARG A 194 9.47 -30.89 14.96
CA ARG A 194 8.85 -30.86 16.27
C ARG A 194 8.69 -32.26 16.85
N PRO A 195 8.70 -32.36 18.21
CA PRO A 195 8.55 -33.61 18.97
C PRO A 195 7.22 -34.30 18.65
N GLU A 196 6.22 -33.47 18.37
CA GLU A 196 4.87 -33.92 18.12
C GLU A 196 4.74 -34.61 16.75
N GLY A 197 5.80 -34.56 15.95
CA GLY A 197 5.88 -35.29 14.69
C GLY A 197 5.71 -34.53 13.38
N ASP A 198 5.33 -33.25 13.45
CA ASP A 198 5.23 -32.42 12.26
C ASP A 198 6.26 -31.27 12.29
N VAL A 199 5.96 -30.17 11.60
CA VAL A 199 6.96 -29.11 11.34
C VAL A 199 6.40 -27.71 11.60
N THR A 200 7.24 -26.82 12.13
CA THR A 200 6.87 -25.42 12.30
C THR A 200 7.59 -24.52 11.29
N LEU A 201 6.81 -23.84 10.45
CA LEU A 201 7.36 -22.90 9.48
C LEU A 201 7.19 -21.49 9.97
N ARG A 202 8.29 -20.78 10.17
CA ARG A 202 8.24 -19.43 10.70
C ARG A 202 8.70 -18.45 9.63
N CYS A 203 7.85 -17.46 9.36
CA CYS A 203 8.16 -16.46 8.34
C CYS A 203 8.72 -15.20 8.95
N TRP A 204 9.88 -14.79 8.45
CA TRP A 204 10.59 -13.64 9.03
C TRP A 204 10.55 -12.38 8.16
N ALA A 205 10.49 -11.23 8.82
CA ALA A 205 10.64 -9.93 8.16
C ALA A 205 11.49 -9.02 9.05
N LEU A 206 12.70 -8.71 8.59
CA LEU A 206 13.66 -8.04 9.45
C LEU A 206 14.10 -6.68 8.90
N GLY A 207 14.40 -5.76 9.79
CA GLY A 207 15.06 -4.53 9.42
C GLY A 207 14.29 -3.55 8.56
N PHE A 208 12.98 -3.66 8.50
CA PHE A 208 12.21 -2.73 7.69
C PHE A 208 11.84 -1.45 8.45
N TYR A 209 11.48 -0.41 7.71
CA TYR A 209 11.03 0.87 8.24
C TYR A 209 10.30 1.64 7.15
N PRO A 210 9.14 2.25 7.48
CA PRO A 210 8.46 2.35 8.77
C PRO A 210 7.87 1.04 9.28
N ALA A 211 7.12 1.12 10.37
CA ALA A 211 6.72 -0.05 11.14
C ALA A 211 5.45 -0.75 10.66
N ASP A 212 4.77 -0.16 9.69
CA ASP A 212 3.54 -0.77 9.21
C ASP A 212 3.84 -1.94 8.25
N ILE A 213 3.28 -3.11 8.54
CA ILE A 213 3.61 -4.34 7.81
C ILE A 213 2.61 -5.48 8.01
N THR A 214 2.30 -6.21 6.95
CA THR A 214 1.50 -7.42 7.13
C THR A 214 2.30 -8.67 6.77
N LEU A 215 2.16 -9.70 7.59
CA LEU A 215 2.81 -10.99 7.40
C LEU A 215 1.71 -12.02 7.30
N THR A 216 1.80 -12.91 6.32
CA THR A 216 0.68 -13.82 6.06
C THR A 216 1.10 -15.19 5.55
N TRP A 217 0.31 -16.22 5.89
CA TRP A 217 0.54 -17.58 5.41
C TRP A 217 -0.63 -18.09 4.56
N GLN A 218 -0.28 -18.81 3.50
CA GLN A 218 -1.27 -19.36 2.57
C GLN A 218 -1.02 -20.84 2.31
N LEU A 219 -2.09 -21.64 2.35
CA LEU A 219 -2.02 -23.06 1.94
C LEU A 219 -2.70 -23.19 0.58
N ASN A 220 -1.90 -23.09 -0.48
CA ASN A 220 -2.37 -22.93 -1.87
C ASN A 220 -3.57 -21.97 -2.00
N GLY A 221 -3.31 -20.69 -1.73
CA GLY A 221 -4.31 -19.65 -1.91
C GLY A 221 -5.30 -19.40 -0.78
N GLU A 222 -5.36 -20.29 0.22
CA GLU A 222 -6.27 -20.08 1.35
C GLU A 222 -5.50 -19.66 2.62
N GLU A 223 -5.98 -18.63 3.33
CA GLU A 223 -5.31 -18.16 4.55
C GLU A 223 -5.75 -18.80 5.87
N LEU A 224 -4.75 -19.18 6.64
CA LEU A 224 -4.92 -19.96 7.86
C LEU A 224 -4.75 -19.07 9.11
N THR A 225 -5.45 -17.95 9.13
CA THR A 225 -5.26 -16.92 10.16
C THR A 225 -5.21 -17.43 11.59
N GLN A 226 -6.14 -18.30 11.97
CA GLN A 226 -6.21 -18.75 13.34
C GLN A 226 -5.27 -19.93 13.58
N GLU A 227 -4.61 -20.35 12.50
CA GLU A 227 -3.65 -21.43 12.59
C GLU A 227 -2.23 -20.91 12.79
N MET A 228 -2.00 -19.66 12.41
CA MET A 228 -0.66 -19.12 12.56
C MET A 228 -0.51 -18.52 13.96
N GLU A 229 0.71 -18.55 14.49
CA GLU A 229 1.01 -17.80 15.71
C GLU A 229 1.88 -16.62 15.30
N LEU A 230 1.57 -15.47 15.88
CA LEU A 230 2.12 -14.19 15.45
C LEU A 230 2.59 -13.32 16.61
N VAL A 231 3.82 -12.82 16.56
CA VAL A 231 4.28 -11.86 17.57
C VAL A 231 4.00 -10.43 17.11
N GLU A 232 4.00 -9.49 18.05
CA GLU A 232 3.78 -8.09 17.71
C GLU A 232 5.05 -7.47 17.12
N THR A 233 4.86 -6.51 16.21
CA THR A 233 5.97 -5.78 15.64
C THR A 233 6.86 -5.26 16.76
N ARG A 234 8.14 -5.59 16.66
CA ARG A 234 9.11 -5.30 17.71
C ARG A 234 10.26 -4.45 17.15
N PRO A 235 10.76 -3.49 17.92
CA PRO A 235 11.88 -2.68 17.46
C PRO A 235 13.17 -3.46 17.50
N ALA A 236 13.99 -3.30 16.46
CA ALA A 236 15.30 -3.91 16.43
C ALA A 236 16.31 -2.95 17.03
N GLY A 237 15.92 -1.70 17.23
CA GLY A 237 16.80 -0.71 17.84
C GLY A 237 17.84 -0.03 16.94
N ASP A 238 17.61 -0.09 15.64
CA ASP A 238 18.49 0.55 14.66
C ASP A 238 17.65 1.44 13.76
N GLY A 239 16.45 1.73 14.24
CA GLY A 239 15.50 2.53 13.49
C GLY A 239 14.62 1.61 12.70
N THR A 240 14.98 0.33 12.68
CA THR A 240 14.22 -0.66 11.92
C THR A 240 13.45 -1.59 12.85
N PHE A 241 12.53 -2.37 12.28
CA PHE A 241 11.69 -3.24 13.07
C PHE A 241 11.78 -4.69 12.63
N GLN A 242 11.27 -5.59 13.48
CA GLN A 242 11.21 -7.02 13.18
C GLN A 242 9.80 -7.57 13.47
N LYS A 243 9.50 -8.72 12.89
CA LYS A 243 8.23 -9.43 13.10
C LYS A 243 8.31 -10.84 12.51
N TRP A 244 7.55 -11.77 13.07
CA TRP A 244 7.41 -13.07 12.45
C TRP A 244 6.07 -13.75 12.74
N ALA A 245 5.71 -14.71 11.89
CA ALA A 245 4.51 -15.50 12.10
C ALA A 245 4.77 -16.94 11.68
N SER A 246 4.25 -17.89 12.43
CA SER A 246 4.52 -19.28 12.10
C SER A 246 3.28 -20.15 12.08
N VAL A 247 3.34 -21.22 11.31
CA VAL A 247 2.29 -22.23 11.23
C VAL A 247 2.88 -23.62 11.46
N VAL A 248 2.02 -24.62 11.66
CA VAL A 248 2.47 -26.01 11.77
C VAL A 248 1.99 -26.87 10.60
N VAL A 249 2.94 -27.49 9.89
CA VAL A 249 2.64 -28.24 8.67
C VAL A 249 3.15 -29.70 8.73
N PRO A 250 2.51 -30.60 7.98
CA PRO A 250 2.90 -32.01 7.93
C PRO A 250 4.30 -32.22 7.36
N LEU A 251 5.09 -33.13 7.92
CA LEU A 251 6.35 -33.51 7.27
C LEU A 251 6.01 -33.96 5.86
N GLY A 252 6.60 -33.31 4.86
CA GLY A 252 6.36 -33.71 3.49
C GLY A 252 5.49 -32.72 2.76
N LYS A 253 4.89 -31.79 3.50
CA LYS A 253 4.03 -30.82 2.84
C LYS A 253 4.38 -29.39 3.22
N GLU A 254 5.65 -29.17 3.55
CA GLU A 254 6.12 -27.87 3.95
C GLU A 254 6.16 -26.91 2.76
N GLN A 255 6.12 -27.47 1.55
CA GLN A 255 6.32 -26.68 0.34
C GLN A 255 5.01 -26.30 -0.33
N LYS A 256 3.89 -26.55 0.34
CA LYS A 256 2.57 -26.22 -0.22
C LYS A 256 2.09 -24.91 0.39
N TYR A 257 2.80 -24.45 1.41
CA TYR A 257 2.41 -23.29 2.20
C TYR A 257 3.21 -22.07 1.76
N THR A 258 2.52 -20.95 1.52
CA THR A 258 3.18 -19.74 1.01
C THR A 258 3.14 -18.58 2.00
N CYS A 259 4.23 -17.82 2.09
CA CYS A 259 4.30 -16.66 2.97
C CYS A 259 4.42 -15.32 2.23
N HIS A 260 3.56 -14.37 2.52
CA HIS A 260 3.58 -13.05 1.86
C HIS A 260 3.88 -11.83 2.76
N VAL A 261 4.66 -10.89 2.23
CA VAL A 261 5.05 -9.67 2.95
C VAL A 261 4.71 -8.39 2.19
N GLU A 262 3.80 -7.57 2.70
CA GLU A 262 3.52 -6.28 2.08
C GLU A 262 4.08 -5.12 2.91
N HIS A 263 4.73 -4.17 2.24
CA HIS A 263 5.28 -2.99 2.92
C HIS A 263 5.58 -1.90 1.88
N GLU A 264 5.87 -0.68 2.34
CA GLU A 264 6.26 0.41 1.46
C GLU A 264 7.60 0.06 0.81
N GLY A 265 8.49 -0.54 1.60
CA GLY A 265 9.82 -0.88 1.15
C GLY A 265 9.86 -2.07 0.21
N LEU A 266 8.69 -2.46 -0.30
CA LEU A 266 8.61 -3.55 -1.28
C LEU A 266 7.92 -3.10 -2.55
N PRO A 267 8.73 -2.75 -3.58
CA PRO A 267 8.24 -2.37 -4.92
C PRO A 267 7.11 -3.27 -5.39
N GLU A 268 7.30 -4.58 -5.22
CA GLU A 268 6.27 -5.58 -5.43
C GLU A 268 6.28 -6.49 -4.19
N PRO A 269 5.08 -6.86 -3.67
CA PRO A 269 4.93 -7.74 -2.50
C PRO A 269 5.63 -9.09 -2.64
N LEU A 270 6.48 -9.45 -1.68
CA LEU A 270 7.19 -10.73 -1.72
C LEU A 270 6.29 -11.96 -1.59
N THR A 271 6.79 -13.07 -2.13
CA THR A 271 6.18 -14.39 -1.98
C THR A 271 7.26 -15.43 -1.65
N LEU A 272 7.07 -16.17 -0.56
CA LEU A 272 8.08 -17.13 -0.09
C LEU A 272 7.50 -18.51 0.25
N ARG A 273 8.30 -19.54 0.00
CA ARG A 273 7.93 -20.91 0.38
C ARG A 273 9.15 -21.60 0.99
N TRP A 274 9.02 -22.88 1.30
CA TRP A 274 10.17 -23.63 1.80
C TRP A 274 10.33 -24.97 1.06
N ILE B 2 -5.14 -8.96 36.55
CA ILE B 2 -5.82 -7.68 36.51
C ILE B 2 -5.49 -6.84 35.26
N GLN B 3 -6.51 -6.68 34.40
CA GLN B 3 -6.49 -5.77 33.26
C GLN B 3 -5.51 -5.99 32.09
N LYS B 4 -5.00 -7.22 31.92
CA LYS B 4 -4.07 -7.69 30.84
C LYS B 4 -2.68 -8.13 31.33
N THR B 5 -2.20 -9.22 30.74
CA THR B 5 -0.94 -9.87 31.14
C THR B 5 0.15 -9.61 30.08
N PRO B 6 1.33 -9.14 30.52
CA PRO B 6 2.39 -8.76 29.57
C PRO B 6 2.88 -9.89 28.66
N GLN B 7 3.34 -9.51 27.47
CA GLN B 7 3.86 -10.46 26.50
C GLN B 7 5.36 -10.23 26.29
N ILE B 8 6.16 -11.06 26.94
CA ILE B 8 7.60 -10.83 26.99
C ILE B 8 8.33 -11.53 25.86
N GLN B 9 9.21 -10.80 25.16
CA GLN B 9 10.04 -11.35 24.11
C GLN B 9 11.48 -11.00 24.38
N VAL B 10 12.38 -11.97 24.25
CA VAL B 10 13.81 -11.71 24.39
C VAL B 10 14.51 -12.07 23.10
N TYR B 11 15.29 -11.12 22.59
CA TYR B 11 15.89 -11.23 21.27
C TYR B 11 17.04 -10.23 21.12
N SER B 12 17.70 -10.26 19.98
CA SER B 12 18.83 -9.38 19.69
C SER B 12 18.54 -8.50 18.48
N ARG B 13 19.27 -7.39 18.33
CA ARG B 13 19.02 -6.52 17.18
C ARG B 13 19.26 -7.28 15.87
N HIS B 14 20.44 -7.90 15.78
CA HIS B 14 20.84 -8.70 14.63
C HIS B 14 20.83 -10.18 14.99
N PRO B 15 20.61 -11.06 14.01
CA PRO B 15 20.86 -12.47 14.29
C PRO B 15 22.26 -12.66 14.85
N PRO B 16 22.36 -13.39 15.97
CA PRO B 16 23.57 -13.46 16.78
C PRO B 16 24.71 -14.22 16.12
N GLU B 17 25.93 -13.78 16.42
CA GLU B 17 27.14 -14.44 15.97
C GLU B 17 28.14 -14.39 17.11
N ASN B 18 28.62 -15.55 17.54
CA ASN B 18 29.53 -15.59 18.68
C ASN B 18 30.77 -14.72 18.49
N GLY B 19 31.00 -13.79 19.41
CA GLY B 19 32.19 -12.96 19.37
C GLY B 19 32.04 -11.58 18.75
N LYS B 20 30.83 -11.24 18.34
CA LYS B 20 30.56 -9.97 17.67
C LYS B 20 29.48 -9.16 18.41
N PRO B 21 29.84 -7.97 18.90
CA PRO B 21 28.96 -7.13 19.73
C PRO B 21 27.56 -6.94 19.15
N ASN B 22 26.57 -6.97 20.04
CA ASN B 22 25.17 -6.94 19.68
C ASN B 22 24.37 -6.16 20.71
N ILE B 23 23.06 -6.13 20.55
CA ILE B 23 22.20 -5.53 21.57
C ILE B 23 21.09 -6.49 21.96
N LEU B 24 20.92 -6.70 23.27
CA LEU B 24 19.90 -7.62 23.74
C LEU B 24 18.61 -6.88 24.10
N ASN B 25 17.53 -7.24 23.41
CA ASN B 25 16.25 -6.61 23.67
C ASN B 25 15.33 -7.52 24.46
N CYS B 26 14.76 -6.98 25.52
CA CYS B 26 13.65 -7.62 26.21
C CYS B 26 12.45 -6.70 26.00
N TYR B 27 11.56 -7.12 25.12
CA TYR B 27 10.46 -6.29 24.72
C TYR B 27 9.24 -6.79 25.43
N VAL B 28 8.70 -5.94 26.31
CA VAL B 28 7.53 -6.31 27.10
C VAL B 28 6.36 -5.45 26.68
N THR B 29 5.26 -6.10 26.34
CA THR B 29 4.14 -5.39 25.73
C THR B 29 2.73 -5.77 26.15
N GLN B 30 1.76 -4.93 25.75
CA GLN B 30 0.33 -5.26 25.80
C GLN B 30 -0.23 -5.50 27.18
N PHE B 31 0.15 -4.69 28.16
CA PHE B 31 -0.30 -4.91 29.54
C PHE B 31 -0.97 -3.72 30.22
N HIS B 32 -1.45 -3.97 31.42
CA HIS B 32 -2.10 -2.97 32.27
C HIS B 32 -2.43 -3.58 33.64
N PRO B 33 -2.24 -2.81 34.73
CA PRO B 33 -1.81 -1.41 34.89
C PRO B 33 -0.34 -1.14 34.50
N PRO B 34 0.04 0.15 34.37
CA PRO B 34 1.37 0.55 33.91
C PRO B 34 2.49 0.09 34.81
N HIS B 35 2.31 0.07 36.13
CA HIS B 35 3.45 -0.19 36.99
C HIS B 35 3.90 -1.62 36.78
N ILE B 36 5.20 -1.80 36.64
CA ILE B 36 5.78 -3.06 36.18
C ILE B 36 7.26 -2.99 36.47
N GLU B 37 7.89 -4.13 36.74
CA GLU B 37 9.34 -4.13 36.86
C GLU B 37 9.99 -5.15 35.93
N ILE B 38 11.10 -4.74 35.33
CA ILE B 38 11.77 -5.51 34.30
C ILE B 38 13.26 -5.60 34.59
N GLN B 39 13.73 -6.81 34.88
CA GLN B 39 15.15 -7.06 35.13
C GLN B 39 15.77 -7.94 34.06
N MET B 40 16.99 -7.60 33.67
CA MET B 40 17.74 -8.46 32.76
C MET B 40 18.76 -9.31 33.51
N LEU B 41 18.79 -10.60 33.22
CA LEU B 41 19.67 -11.50 33.94
C LEU B 41 20.66 -12.20 33.01
N LYS B 42 21.93 -12.17 33.40
CA LYS B 42 22.94 -12.97 32.73
C LYS B 42 23.47 -13.99 33.73
N ASN B 43 23.23 -15.26 33.42
CA ASN B 43 23.59 -16.37 34.29
C ASN B 43 23.00 -16.27 35.71
N GLY B 44 21.88 -15.56 35.84
CA GLY B 44 21.18 -15.46 37.12
C GLY B 44 21.43 -14.21 37.96
N LYS B 45 22.52 -13.50 37.71
CA LYS B 45 22.79 -12.25 38.43
C LYS B 45 22.26 -11.08 37.61
N LYS B 46 21.87 -10.01 38.28
CA LYS B 46 21.26 -8.89 37.57
C LYS B 46 22.30 -8.04 36.84
N ILE B 47 21.91 -7.53 35.68
CA ILE B 47 22.77 -6.65 34.89
C ILE B 47 22.49 -5.19 35.23
N PRO B 48 23.53 -4.44 35.62
CA PRO B 48 23.44 -3.11 36.21
C PRO B 48 22.79 -2.00 35.37
N LYS B 49 23.19 -1.79 34.13
CA LYS B 49 22.60 -0.67 33.40
C LYS B 49 21.80 -1.14 32.19
N VAL B 50 20.50 -0.94 32.29
CA VAL B 50 19.59 -1.32 31.23
C VAL B 50 18.70 -0.12 30.96
N GLU B 51 18.46 0.13 29.68
CA GLU B 51 17.75 1.31 29.23
C GLU B 51 16.30 0.99 28.93
N MET B 52 15.41 1.96 29.16
CA MET B 52 13.99 1.76 28.91
C MET B 52 13.45 2.67 27.80
N SER B 53 12.80 2.06 26.81
CA SER B 53 12.26 2.79 25.68
C SER B 53 10.89 2.26 25.19
N ASP B 54 10.24 3.09 24.37
CA ASP B 54 9.01 2.76 23.64
C ASP B 54 7.73 2.53 24.47
N MET B 55 7.41 3.50 25.34
CA MET B 55 6.17 3.52 26.13
C MET B 55 5.03 4.02 25.25
N SER B 56 4.01 3.18 25.04
CA SER B 56 2.94 3.54 24.12
C SER B 56 1.63 2.87 24.51
N PHE B 57 0.60 3.06 23.68
CA PHE B 57 -0.69 2.40 23.92
C PHE B 57 -1.07 1.63 22.65
N SER B 58 -1.70 0.46 22.81
CA SER B 58 -2.05 -0.36 21.66
C SER B 58 -3.26 0.17 20.93
N LYS B 59 -3.32 1.48 20.72
CA LYS B 59 -4.49 2.13 20.12
C LYS B 59 -5.78 1.71 20.85
N ASP B 60 -5.62 0.84 21.84
CA ASP B 60 -6.67 0.39 22.72
C ASP B 60 -6.15 0.49 24.13
N TRP B 61 -5.06 1.24 24.24
CA TRP B 61 -4.48 1.71 25.51
C TRP B 61 -3.58 0.77 26.30
N SER B 62 -3.46 -0.51 25.92
CA SER B 62 -2.52 -1.37 26.64
C SER B 62 -1.08 -0.87 26.45
N PHE B 63 -0.25 -1.07 27.47
CA PHE B 63 1.06 -0.43 27.50
C PHE B 63 2.13 -1.25 26.85
N TYR B 64 3.24 -0.59 26.59
CA TYR B 64 4.36 -1.16 25.89
C TYR B 64 5.62 -0.60 26.53
N ILE B 65 6.68 -1.39 26.61
CA ILE B 65 7.95 -0.88 27.15
C ILE B 65 9.13 -1.78 26.74
N LEU B 66 10.26 -1.17 26.40
CA LEU B 66 11.40 -1.93 25.88
C LEU B 66 12.62 -1.81 26.77
N ALA B 67 13.29 -2.94 26.95
CA ALA B 67 14.53 -3.00 27.70
C ALA B 67 15.59 -3.47 26.76
N HIS B 68 16.74 -2.83 26.76
CA HIS B 68 17.83 -3.23 25.88
C HIS B 68 19.21 -3.12 26.52
N THR B 69 20.16 -3.92 26.03
CA THR B 69 21.54 -3.89 26.52
C THR B 69 22.58 -4.39 25.51
N GLU B 70 23.73 -3.74 25.49
CA GLU B 70 24.85 -4.17 24.68
C GLU B 70 25.45 -5.44 25.29
N PHE B 71 25.73 -6.44 24.47
CA PHE B 71 26.29 -7.67 25.01
C PHE B 71 27.02 -8.41 23.92
N THR B 72 27.78 -9.43 24.30
CA THR B 72 28.47 -10.26 23.32
C THR B 72 28.09 -11.72 23.54
N PRO B 73 27.37 -12.31 22.59
CA PRO B 73 26.95 -13.72 22.66
C PRO B 73 28.14 -14.66 22.81
N THR B 74 28.02 -15.57 23.77
CA THR B 74 29.02 -16.60 23.98
C THR B 74 28.29 -17.93 24.05
N GLU B 75 29.01 -19.01 23.75
CA GLU B 75 28.41 -20.33 23.66
C GLU B 75 28.09 -20.88 25.03
N THR B 76 28.69 -20.28 26.06
CA THR B 76 28.58 -20.82 27.41
C THR B 76 27.75 -19.96 28.34
N ASP B 77 27.29 -18.82 27.86
CA ASP B 77 26.52 -17.92 28.70
C ASP B 77 25.07 -17.96 28.33
N THR B 78 24.22 -17.72 29.33
CA THR B 78 22.77 -17.78 29.20
C THR B 78 22.11 -16.46 29.61
N TYR B 79 21.23 -15.96 28.75
CA TYR B 79 20.57 -14.69 29.04
C TYR B 79 19.09 -14.88 29.33
N ALA B 80 18.49 -13.92 30.00
CA ALA B 80 17.08 -13.99 30.37
C ALA B 80 16.55 -12.64 30.86
N CYS B 81 15.24 -12.45 30.75
CA CYS B 81 14.60 -11.24 31.25
C CYS B 81 13.45 -11.62 32.19
N ARG B 82 13.42 -11.09 33.41
CA ARG B 82 12.32 -11.44 34.32
C ARG B 82 11.44 -10.25 34.67
N VAL B 83 10.15 -10.43 34.41
CA VAL B 83 9.14 -9.40 34.51
C VAL B 83 8.03 -9.80 35.46
N LYS B 84 7.77 -8.89 36.41
CA LYS B 84 6.73 -9.04 37.42
C LYS B 84 5.58 -8.06 37.21
N HIS B 85 4.36 -8.58 37.06
CA HIS B 85 3.19 -7.72 36.82
C HIS B 85 2.04 -8.11 37.76
N ALA B 86 1.12 -7.18 37.98
CA ALA B 86 0.02 -7.37 38.93
C ALA B 86 -0.96 -8.45 38.50
N SER B 87 -1.06 -8.69 37.20
CA SER B 87 -1.96 -9.72 36.70
C SER B 87 -1.31 -11.08 36.88
N MET B 88 -0.04 -11.06 37.27
CA MET B 88 0.76 -12.28 37.41
C MET B 88 1.08 -12.62 38.87
N ALA B 89 0.86 -13.88 39.21
CA ALA B 89 1.10 -14.36 40.57
C ALA B 89 2.56 -14.20 40.98
N GLU B 90 3.45 -14.64 40.09
CA GLU B 90 4.90 -14.55 40.31
C GLU B 90 5.67 -14.14 39.07
N PRO B 91 6.78 -13.41 39.27
CA PRO B 91 7.66 -12.91 38.21
C PRO B 91 8.05 -13.99 37.22
N LYS B 92 7.78 -13.69 35.95
CA LYS B 92 8.04 -14.57 34.81
C LYS B 92 9.43 -14.30 34.28
N THR B 93 10.27 -15.32 34.23
CA THR B 93 11.60 -15.19 33.62
C THR B 93 11.58 -15.78 32.22
N VAL B 94 11.95 -14.99 31.21
CA VAL B 94 12.01 -15.50 29.84
C VAL B 94 13.45 -15.60 29.35
N TYR B 95 13.82 -16.74 28.77
CA TYR B 95 15.18 -16.93 28.30
C TYR B 95 15.37 -16.65 26.82
N TRP B 96 16.50 -16.02 26.49
CA TRP B 96 16.85 -15.79 25.11
C TRP B 96 17.17 -17.11 24.43
N ASP B 97 16.48 -17.43 23.34
CA ASP B 97 16.93 -18.51 22.45
C ASP B 97 17.34 -17.90 21.09
N ARG B 98 18.55 -18.21 20.64
CA ARG B 98 19.13 -17.48 19.53
C ARG B 98 18.73 -18.07 18.19
N ASP B 99 18.14 -19.26 18.21
CA ASP B 99 17.71 -19.95 17.00
C ASP B 99 16.18 -19.98 16.94
N MET B 100 15.61 -18.83 16.60
CA MET B 100 14.19 -18.75 16.28
C MET B 100 14.04 -18.84 14.75
N ILE C 1 5.33 19.95 18.71
CA ILE C 1 4.63 20.65 19.78
C ILE C 1 3.36 19.90 20.13
N GLY C 2 3.19 19.59 21.40
CA GLY C 2 2.03 18.84 21.85
C GLY C 2 0.82 19.70 22.11
N PRO C 3 -0.31 19.05 22.41
CA PRO C 3 -1.59 19.67 22.76
C PRO C 3 -1.63 20.12 24.22
N GLY C 4 -2.58 21.01 24.55
CA GLY C 4 -2.75 21.45 25.92
C GLY C 4 -4.17 21.27 26.42
N ARG C 5 -4.31 20.73 27.62
CA ARG C 5 -5.62 20.52 28.21
C ARG C 5 -6.32 21.85 28.41
N ALA C 6 -5.51 22.90 28.60
CA ALA C 6 -6.00 24.26 28.78
C ALA C 6 -6.96 24.34 29.94
N PHE C 7 -6.72 23.48 30.93
CA PHE C 7 -7.54 23.46 32.14
C PHE C 7 -9.03 23.25 31.83
N TYR C 8 -9.32 22.57 30.72
CA TYR C 8 -10.65 22.03 30.47
C TYR C 8 -10.76 20.71 31.22
N VAL C 9 -11.12 20.80 32.49
CA VAL C 9 -11.15 19.67 33.40
C VAL C 9 -12.48 18.93 33.37
N ILE C 10 -12.50 17.68 33.82
CA ILE C 10 -13.74 16.92 33.99
C ILE C 10 -14.41 17.21 35.35
N SER D 2 -18.20 -7.90 -11.24
CA SER D 2 -17.85 -8.54 -12.51
C SER D 2 -16.35 -8.78 -12.61
N HIS D 3 -15.95 -10.04 -12.75
CA HIS D 3 -14.53 -10.35 -12.89
C HIS D 3 -14.29 -10.85 -14.30
N SER D 4 -13.07 -10.63 -14.81
CA SER D 4 -12.76 -11.00 -16.18
C SER D 4 -11.36 -11.52 -16.43
N LEU D 5 -11.24 -12.52 -17.31
CA LEU D 5 -9.94 -12.94 -17.84
C LEU D 5 -9.95 -12.68 -19.33
N ARG D 6 -9.02 -11.84 -19.80
CA ARG D 6 -8.94 -11.48 -21.20
C ARG D 6 -7.55 -11.72 -21.76
N TYR D 7 -7.50 -12.14 -23.01
CA TYR D 7 -6.22 -12.37 -23.67
C TYR D 7 -6.14 -11.41 -24.83
N PHE D 8 -5.02 -10.69 -24.91
CA PHE D 8 -4.83 -9.73 -25.98
C PHE D 8 -3.71 -10.21 -26.90
N VAL D 9 -4.06 -10.47 -28.15
CA VAL D 9 -3.13 -11.04 -29.11
C VAL D 9 -2.79 -10.01 -30.18
N THR D 10 -1.50 -9.84 -30.48
CA THR D 10 -1.11 -8.90 -31.52
C THR D 10 -0.08 -9.50 -32.45
N ALA D 11 -0.38 -9.47 -33.73
CA ALA D 11 0.54 -9.94 -34.75
C ALA D 11 0.77 -8.81 -35.73
N VAL D 12 2.03 -8.41 -35.88
CA VAL D 12 2.36 -7.34 -36.80
C VAL D 12 3.43 -7.81 -37.80
N SER D 13 3.17 -7.58 -39.08
CA SER D 13 4.10 -8.00 -40.12
C SER D 13 5.24 -7.00 -40.25
N ARG D 14 6.41 -7.50 -40.64
CA ARG D 14 7.56 -6.64 -40.89
C ARG D 14 8.32 -7.20 -42.09
N PRO D 15 7.98 -6.72 -43.30
CA PRO D 15 8.62 -7.19 -44.53
C PRO D 15 10.15 -7.11 -44.46
N GLY D 16 10.78 -8.25 -44.74
CA GLY D 16 12.23 -8.38 -44.71
C GLY D 16 12.75 -9.05 -43.46
N PHE D 17 12.13 -8.79 -42.31
CA PHE D 17 12.64 -9.34 -41.05
C PHE D 17 12.06 -10.70 -40.71
N GLY D 18 11.75 -11.50 -41.74
CA GLY D 18 11.25 -12.83 -41.48
C GLY D 18 9.87 -12.78 -40.84
N GLU D 19 9.70 -13.61 -39.81
CA GLU D 19 8.44 -13.74 -39.10
C GLU D 19 7.95 -12.41 -38.50
N PRO D 20 6.63 -12.22 -38.48
CA PRO D 20 5.93 -11.11 -37.85
C PRO D 20 6.12 -11.17 -36.34
N ARG D 21 5.79 -10.11 -35.61
CA ARG D 21 5.88 -10.18 -34.15
C ARG D 21 4.59 -10.77 -33.59
N TYR D 22 4.70 -11.89 -32.89
CA TYR D 22 3.52 -12.46 -32.29
C TYR D 22 3.59 -12.33 -30.79
N MET D 23 2.52 -11.79 -30.22
CA MET D 23 2.44 -11.61 -28.79
C MET D 23 1.06 -11.92 -28.28
N GLU D 24 1.01 -12.38 -27.04
CA GLU D 24 -0.23 -12.63 -26.32
C GLU D 24 -0.06 -12.07 -24.92
N VAL D 25 -1.05 -11.34 -24.43
CA VAL D 25 -0.97 -10.88 -23.05
C VAL D 25 -2.24 -11.31 -22.32
N GLY D 26 -2.05 -11.95 -21.17
CA GLY D 26 -3.18 -12.42 -20.39
C GLY D 26 -3.40 -11.56 -19.16
N TYR D 27 -4.67 -11.28 -18.88
CA TYR D 27 -5.08 -10.44 -17.76
C TYR D 27 -6.16 -11.12 -16.93
N VAL D 28 -6.16 -10.84 -15.63
CA VAL D 28 -7.36 -11.06 -14.83
C VAL D 28 -7.74 -9.71 -14.27
N ASP D 29 -8.96 -9.28 -14.59
CA ASP D 29 -9.36 -7.91 -14.37
C ASP D 29 -8.35 -7.02 -15.11
N ASN D 30 -7.60 -6.20 -14.38
CA ASN D 30 -6.62 -5.32 -15.01
C ASN D 30 -5.17 -5.68 -14.67
N THR D 31 -4.95 -6.92 -14.24
CA THR D 31 -3.62 -7.36 -13.84
C THR D 31 -3.12 -8.46 -14.77
N GLU D 32 -1.99 -8.19 -15.44
CA GLU D 32 -1.37 -9.15 -16.35
C GLU D 32 -0.76 -10.30 -15.56
N PHE D 33 -0.90 -11.51 -16.08
CA PHE D 33 -0.35 -12.65 -15.37
C PHE D 33 0.35 -13.67 -16.26
N VAL D 34 0.09 -13.64 -17.57
CA VAL D 34 0.84 -14.48 -18.50
C VAL D 34 1.21 -13.73 -19.79
N ARG D 35 2.31 -14.13 -20.42
CA ARG D 35 2.75 -13.45 -21.63
C ARG D 35 3.40 -14.43 -22.61
N PHE D 36 3.34 -14.11 -23.90
CA PHE D 36 4.01 -14.89 -24.93
C PHE D 36 4.63 -13.99 -25.93
N ASP D 37 5.87 -14.28 -26.30
CA ASP D 37 6.60 -13.49 -27.29
C ASP D 37 7.56 -14.37 -28.08
N SER D 38 7.41 -14.36 -29.40
CA SER D 38 8.20 -15.18 -30.32
C SER D 38 9.63 -14.68 -30.50
N ASP D 39 9.93 -13.49 -29.97
CA ASP D 39 11.25 -12.91 -30.10
C ASP D 39 12.16 -13.24 -28.91
N ALA D 40 11.63 -14.03 -27.98
CA ALA D 40 12.35 -14.47 -26.80
C ALA D 40 13.19 -15.70 -27.08
N GLU D 41 14.29 -15.84 -26.35
CA GLU D 41 15.20 -16.96 -26.55
C GLU D 41 14.51 -18.27 -26.25
N ASN D 42 13.46 -18.18 -25.43
CA ASN D 42 12.69 -19.33 -25.04
C ASN D 42 11.25 -19.02 -25.39
N PRO D 43 10.91 -19.05 -26.71
CA PRO D 43 9.55 -18.62 -26.98
C PRO D 43 8.61 -19.60 -26.32
N ARG D 44 8.17 -19.20 -25.13
CA ARG D 44 7.28 -19.98 -24.28
C ARG D 44 6.29 -19.06 -23.60
N TYR D 45 5.27 -19.67 -22.99
CA TYR D 45 4.41 -18.89 -22.11
C TYR D 45 5.27 -18.65 -20.87
N GLU D 46 5.29 -17.42 -20.39
CA GLU D 46 6.13 -17.07 -19.26
C GLU D 46 5.29 -16.36 -18.21
N PRO D 47 5.66 -16.51 -16.93
CA PRO D 47 4.89 -15.82 -15.89
C PRO D 47 5.19 -14.32 -15.81
N ARG D 48 4.14 -13.51 -15.73
CA ARG D 48 4.29 -12.07 -15.59
C ARG D 48 3.67 -11.62 -14.28
N ALA D 49 3.22 -12.60 -13.50
CA ALA D 49 2.73 -12.37 -12.16
C ALA D 49 3.16 -13.53 -11.25
N ARG D 50 3.70 -13.20 -10.08
CA ARG D 50 4.31 -14.17 -9.16
C ARG D 50 3.30 -15.23 -8.70
N TRP D 51 2.02 -14.87 -8.70
CA TRP D 51 1.01 -15.78 -8.19
C TRP D 51 0.62 -16.91 -9.15
N ILE D 52 1.17 -16.90 -10.36
CA ILE D 52 0.82 -17.94 -11.35
C ILE D 52 1.80 -19.11 -11.23
N GLU D 53 2.96 -18.87 -10.63
CA GLU D 53 4.03 -19.86 -10.56
C GLU D 53 3.59 -21.21 -9.96
N GLN D 54 2.43 -21.25 -9.31
CA GLN D 54 1.96 -22.49 -8.70
C GLN D 54 1.30 -23.37 -9.75
N GLU D 55 1.50 -23.00 -11.02
CA GLU D 55 1.33 -23.91 -12.14
C GLU D 55 2.62 -24.66 -12.45
N GLY D 56 2.50 -25.75 -13.20
CA GLY D 56 3.63 -26.62 -13.48
C GLY D 56 4.24 -26.38 -14.85
N PRO D 57 5.28 -27.17 -15.20
CA PRO D 57 5.88 -27.13 -16.54
C PRO D 57 4.86 -27.66 -17.55
N GLU D 58 4.01 -28.57 -17.10
CA GLU D 58 2.94 -29.10 -17.93
C GLU D 58 1.90 -28.00 -18.22
N TYR D 59 1.82 -26.99 -17.35
CA TYR D 59 0.95 -25.85 -17.61
C TYR D 59 1.51 -24.99 -18.73
N TRP D 60 2.78 -24.64 -18.58
CA TRP D 60 3.42 -23.72 -19.50
C TRP D 60 3.60 -24.32 -20.88
N GLU D 61 3.96 -25.60 -20.95
CA GLU D 61 4.16 -26.21 -22.24
C GLU D 61 2.83 -26.36 -22.98
N ARG D 62 1.79 -26.83 -22.29
CA ARG D 62 0.46 -26.95 -22.88
C ARG D 62 -0.08 -25.60 -23.39
N GLU D 63 0.35 -24.52 -22.74
CA GLU D 63 -0.05 -23.16 -23.12
C GLU D 63 0.86 -22.53 -24.18
N THR D 64 2.12 -22.96 -24.20
CA THR D 64 3.06 -22.56 -25.23
C THR D 64 2.62 -23.14 -26.56
N ARG D 65 2.17 -24.39 -26.55
CA ARG D 65 1.73 -25.06 -27.76
C ARG D 65 0.54 -24.34 -28.38
N ARG D 66 -0.39 -23.90 -27.54
CA ARG D 66 -1.56 -23.16 -28.00
C ARG D 66 -1.13 -21.90 -28.75
N ALA D 67 -0.22 -21.16 -28.14
CA ALA D 67 0.27 -19.89 -28.67
C ALA D 67 1.07 -20.07 -29.95
N LYS D 68 2.10 -20.92 -29.86
CA LYS D 68 2.92 -21.25 -31.01
C LYS D 68 2.07 -21.66 -32.19
N GLY D 69 1.00 -22.42 -31.89
CA GLY D 69 0.03 -22.81 -32.88
C GLY D 69 -0.75 -21.63 -33.45
N ASN D 70 -1.17 -20.72 -32.58
CA ASN D 70 -1.91 -19.52 -33.00
C ASN D 70 -1.10 -18.62 -33.91
N GLU D 71 0.21 -18.56 -33.66
CA GLU D 71 1.06 -17.74 -34.50
C GLU D 71 0.91 -18.20 -35.91
N GLN D 72 0.90 -19.51 -36.09
CA GLN D 72 0.87 -20.11 -37.40
C GLN D 72 -0.35 -19.59 -38.12
N SER D 73 -1.49 -19.71 -37.45
CA SER D 73 -2.77 -19.22 -37.97
C SER D 73 -2.71 -17.72 -38.24
N PHE D 74 -2.07 -16.99 -37.33
CA PHE D 74 -1.96 -15.55 -37.45
C PHE D 74 -1.00 -15.09 -38.55
N ARG D 75 0.07 -15.85 -38.78
CA ARG D 75 1.01 -15.53 -39.85
C ARG D 75 0.29 -15.60 -41.20
N VAL D 76 -0.59 -16.58 -41.34
CA VAL D 76 -1.32 -16.77 -42.59
C VAL D 76 -2.28 -15.63 -42.86
N ASP D 77 -2.96 -15.22 -41.80
CA ASP D 77 -3.96 -14.17 -41.88
C ASP D 77 -3.36 -12.88 -42.44
N LEU D 78 -2.13 -12.60 -42.03
CA LEU D 78 -1.44 -11.38 -42.44
C LEU D 78 -1.20 -11.40 -43.92
N ARG D 79 -0.78 -12.56 -44.42
CA ARG D 79 -0.50 -12.71 -45.83
C ARG D 79 -1.79 -12.71 -46.66
N THR D 80 -2.86 -13.29 -46.10
CA THR D 80 -4.16 -13.25 -46.76
C THR D 80 -4.77 -11.83 -46.76
N ALA D 81 -4.58 -11.09 -45.68
CA ALA D 81 -5.08 -9.73 -45.55
C ALA D 81 -4.51 -8.76 -46.59
N LEU D 82 -3.30 -9.03 -47.07
CA LEU D 82 -2.67 -8.17 -48.07
C LEU D 82 -3.34 -8.27 -49.43
N ARG D 83 -4.16 -9.30 -49.63
CA ARG D 83 -4.85 -9.48 -50.89
C ARG D 83 -6.27 -8.91 -50.79
N TYR D 84 -6.93 -9.13 -49.65
CA TYR D 84 -8.25 -8.57 -49.40
C TYR D 84 -8.26 -7.03 -49.52
N TYR D 85 -7.14 -6.41 -49.18
CA TYR D 85 -7.05 -4.95 -49.13
C TYR D 85 -6.13 -4.45 -50.24
N ASN D 86 -5.56 -5.41 -50.95
CA ASN D 86 -4.68 -5.15 -52.09
C ASN D 86 -3.57 -4.17 -51.71
N GLN D 87 -2.70 -4.59 -50.79
CA GLN D 87 -1.65 -3.72 -50.25
C GLN D 87 -0.23 -4.10 -50.71
N SER D 88 0.70 -3.15 -50.55
CA SER D 88 2.10 -3.39 -50.87
C SER D 88 2.65 -4.43 -49.89
N ALA D 89 3.59 -5.25 -50.35
CA ALA D 89 4.21 -6.22 -49.44
C ALA D 89 5.44 -5.64 -48.74
N GLY D 90 5.57 -4.32 -48.74
CA GLY D 90 6.73 -3.66 -48.16
C GLY D 90 6.53 -3.07 -46.78
N GLY D 91 5.32 -2.59 -46.52
CA GLY D 91 5.00 -1.93 -45.26
C GLY D 91 4.60 -2.92 -44.19
N SER D 92 4.61 -2.46 -42.95
CA SER D 92 4.28 -3.32 -41.83
C SER D 92 2.80 -3.20 -41.52
N HIS D 93 2.14 -4.31 -41.20
CA HIS D 93 0.71 -4.27 -40.96
C HIS D 93 0.33 -4.95 -39.66
N THR D 94 -0.88 -4.69 -39.19
CA THR D 94 -1.28 -5.06 -37.83
C THR D 94 -2.53 -5.88 -37.70
N LEU D 95 -2.43 -7.03 -37.03
CA LEU D 95 -3.61 -7.82 -36.74
C LEU D 95 -3.79 -8.05 -35.24
N GLN D 96 -4.94 -7.64 -34.72
CA GLN D 96 -5.20 -7.74 -33.30
C GLN D 96 -6.37 -8.67 -33.04
N TRP D 97 -6.43 -9.20 -31.82
CA TRP D 97 -7.45 -10.15 -31.43
C TRP D 97 -7.60 -10.13 -29.92
N MET D 98 -8.84 -9.96 -29.47
CA MET D 98 -9.13 -9.89 -28.04
C MET D 98 -10.28 -10.83 -27.78
N ALA D 99 -10.04 -11.80 -26.91
CA ALA D 99 -11.06 -12.78 -26.58
C ALA D 99 -11.03 -13.15 -25.11
N GLY D 100 -12.20 -13.17 -24.50
CA GLY D 100 -12.34 -13.47 -23.09
C GLY D 100 -13.79 -13.51 -22.67
N CYS D 101 -14.01 -13.61 -21.37
CA CYS D 101 -15.35 -13.74 -20.80
C CYS D 101 -15.47 -13.01 -19.45
N ASP D 102 -16.60 -12.34 -19.23
CA ASP D 102 -16.83 -11.69 -17.95
C ASP D 102 -17.82 -12.48 -17.09
N VAL D 103 -17.35 -12.98 -15.95
CA VAL D 103 -18.12 -13.89 -15.12
C VAL D 103 -18.35 -13.40 -13.69
N GLU D 104 -19.60 -13.45 -13.25
CA GLU D 104 -19.97 -13.11 -11.88
C GLU D 104 -19.52 -14.22 -10.93
N SER D 105 -19.55 -13.93 -9.64
CA SER D 105 -19.03 -14.85 -8.62
C SER D 105 -19.74 -16.21 -8.56
N ASP D 106 -20.97 -16.30 -9.06
CA ASP D 106 -21.69 -17.58 -8.97
C ASP D 106 -21.48 -18.51 -10.17
N GLY D 107 -20.49 -18.21 -11.00
CA GLY D 107 -20.14 -19.12 -12.09
C GLY D 107 -20.88 -18.90 -13.39
N ARG D 108 -21.88 -18.02 -13.37
CA ARG D 108 -22.69 -17.74 -14.54
C ARG D 108 -22.00 -16.69 -15.42
N LEU D 109 -22.09 -16.88 -16.73
CA LEU D 109 -21.49 -15.94 -17.69
C LEU D 109 -22.45 -14.83 -18.13
N LEU D 110 -21.89 -13.68 -18.48
CA LEU D 110 -22.67 -12.50 -18.84
C LEU D 110 -22.44 -12.02 -20.26
N ARG D 111 -21.23 -12.24 -20.75
CA ARG D 111 -20.79 -11.65 -22.01
C ARG D 111 -19.54 -12.36 -22.53
N GLY D 112 -19.45 -12.51 -23.84
CA GLY D 112 -18.28 -13.12 -24.47
C GLY D 112 -17.74 -12.31 -25.64
N TYR D 113 -16.42 -12.11 -25.65
CA TYR D 113 -15.83 -11.31 -26.70
C TYR D 113 -14.95 -12.18 -27.57
N TRP D 114 -14.88 -11.81 -28.85
CA TRP D 114 -14.05 -12.45 -29.85
C TRP D 114 -14.15 -11.49 -31.00
N GLN D 115 -13.04 -10.88 -31.37
CA GLN D 115 -13.08 -9.73 -32.28
C GLN D 115 -11.72 -9.30 -32.79
N PHE D 116 -11.68 -9.01 -34.09
CA PHE D 116 -10.44 -8.79 -34.80
C PHE D 116 -10.36 -7.39 -35.39
N ALA D 117 -9.14 -6.86 -35.46
CA ALA D 117 -8.92 -5.57 -36.07
C ALA D 117 -7.67 -5.58 -36.94
N TYR D 118 -7.79 -5.06 -38.16
CA TYR D 118 -6.65 -4.97 -39.05
C TYR D 118 -6.26 -3.51 -39.18
N ASP D 119 -4.98 -3.21 -38.98
CA ASP D 119 -4.51 -1.84 -39.04
C ASP D 119 -5.37 -0.91 -38.17
N GLY D 120 -5.60 -1.34 -36.94
CA GLY D 120 -6.25 -0.52 -35.92
C GLY D 120 -7.77 -0.36 -35.97
N CYS D 121 -8.39 -0.84 -37.03
CA CYS D 121 -9.84 -0.73 -37.17
C CYS D 121 -10.55 -2.07 -37.13
N ASP D 122 -11.77 -2.07 -36.62
CA ASP D 122 -12.63 -3.24 -36.57
C ASP D 122 -12.64 -4.03 -37.86
N TYR D 123 -12.92 -5.32 -37.74
CA TYR D 123 -12.96 -6.21 -38.88
C TYR D 123 -14.16 -7.12 -38.75
N ILE D 124 -14.08 -8.05 -37.82
CA ILE D 124 -15.19 -8.97 -37.59
C ILE D 124 -15.26 -9.19 -36.10
N ALA D 125 -16.45 -9.44 -35.59
CA ALA D 125 -16.66 -9.52 -34.15
C ALA D 125 -17.84 -10.43 -33.85
N LEU D 126 -17.72 -11.22 -32.79
CA LEU D 126 -18.80 -12.10 -32.38
C LEU D 126 -19.85 -11.36 -31.54
N ASN D 127 -21.11 -11.52 -31.93
CA ASN D 127 -22.25 -10.87 -31.27
C ASN D 127 -22.63 -11.48 -29.92
N GLU D 128 -23.39 -10.70 -29.14
CA GLU D 128 -23.86 -11.08 -27.80
C GLU D 128 -24.47 -12.48 -27.76
N ASP D 129 -25.08 -12.89 -28.86
CA ASP D 129 -25.72 -14.19 -28.95
C ASP D 129 -24.70 -15.33 -29.07
N LEU D 130 -23.47 -15.00 -29.42
CA LEU D 130 -22.38 -15.97 -29.54
C LEU D 130 -22.74 -17.04 -30.57
N LYS D 131 -23.29 -16.57 -31.67
CA LYS D 131 -23.73 -17.43 -32.76
C LYS D 131 -23.48 -16.68 -34.05
N THR D 132 -23.58 -15.35 -33.98
CA THR D 132 -23.47 -14.52 -35.16
C THR D 132 -22.33 -13.48 -35.12
N TRP D 133 -21.91 -13.07 -36.31
CA TRP D 133 -20.80 -12.13 -36.46
C TRP D 133 -21.25 -10.74 -36.90
N THR D 134 -20.52 -9.73 -36.45
CA THR D 134 -20.68 -8.38 -36.93
C THR D 134 -19.44 -7.94 -37.71
N ALA D 135 -19.60 -7.76 -39.02
CA ALA D 135 -18.49 -7.43 -39.91
C ALA D 135 -18.39 -5.94 -40.17
N ALA D 136 -17.16 -5.42 -40.09
CA ALA D 136 -16.91 -3.99 -40.25
C ALA D 136 -17.14 -3.60 -41.69
N ASP D 137 -16.63 -4.41 -42.61
CA ASP D 137 -16.87 -4.16 -44.03
C ASP D 137 -17.21 -5.47 -44.72
N MET D 138 -17.44 -5.40 -46.02
CA MET D 138 -17.84 -6.56 -46.78
C MET D 138 -16.65 -7.46 -47.05
N ALA D 139 -15.45 -6.93 -46.81
CA ALA D 139 -14.21 -7.70 -46.91
C ALA D 139 -14.13 -8.68 -45.76
N ALA D 140 -14.68 -8.28 -44.62
CA ALA D 140 -14.77 -9.13 -43.45
C ALA D 140 -15.90 -10.12 -43.65
N GLN D 141 -16.78 -9.81 -44.60
CA GLN D 141 -17.95 -10.65 -44.83
C GLN D 141 -17.55 -11.89 -45.62
N ILE D 142 -16.40 -11.81 -46.30
CA ILE D 142 -15.77 -13.01 -46.87
C ILE D 142 -15.49 -13.97 -45.75
N THR D 143 -14.90 -13.42 -44.70
CA THR D 143 -14.52 -14.17 -43.52
C THR D 143 -15.72 -14.69 -42.75
N ARG D 144 -16.74 -13.84 -42.60
CA ARG D 144 -17.96 -14.20 -41.86
C ARG D 144 -18.61 -15.48 -42.39
N ARG D 145 -18.84 -15.53 -43.71
CA ARG D 145 -19.45 -16.68 -44.35
C ARG D 145 -18.59 -17.93 -44.16
N LYS D 146 -17.28 -17.76 -44.34
CA LYS D 146 -16.31 -18.82 -44.15
C LYS D 146 -16.42 -19.47 -42.78
N TRP D 147 -16.62 -18.62 -41.77
CA TRP D 147 -16.75 -19.08 -40.40
C TRP D 147 -18.18 -19.55 -40.13
N GLU D 148 -19.12 -19.12 -40.99
CA GLU D 148 -20.45 -19.69 -40.96
C GLU D 148 -20.37 -21.12 -41.48
N GLN D 149 -19.70 -21.26 -42.63
CA GLN D 149 -19.56 -22.54 -43.31
C GLN D 149 -18.80 -23.54 -42.46
N ALA D 150 -17.78 -23.06 -41.74
CA ALA D 150 -16.95 -23.91 -40.92
C ALA D 150 -17.46 -24.05 -39.49
N GLY D 151 -18.53 -23.33 -39.18
CA GLY D 151 -19.11 -23.41 -37.85
C GLY D 151 -18.18 -22.97 -36.73
N ALA D 152 -17.47 -21.85 -36.93
CA ALA D 152 -16.55 -21.31 -35.93
C ALA D 152 -17.27 -20.80 -34.68
N ALA D 153 -18.30 -20.01 -34.90
CA ALA D 153 -19.09 -19.40 -33.83
C ALA D 153 -19.48 -20.41 -32.77
N GLU D 154 -19.73 -21.65 -33.19
CA GLU D 154 -20.09 -22.68 -32.23
C GLU D 154 -18.89 -23.04 -31.36
N ARG D 155 -17.79 -23.44 -31.99
CA ARG D 155 -16.59 -23.87 -31.26
C ARG D 155 -15.95 -22.79 -30.41
N ASP D 156 -15.78 -21.62 -31.00
CA ASP D 156 -15.30 -20.46 -30.25
C ASP D 156 -16.18 -20.25 -29.02
N ARG D 157 -17.48 -20.35 -29.21
CA ARG D 157 -18.43 -20.21 -28.10
C ARG D 157 -18.17 -21.26 -27.04
N ALA D 158 -17.72 -22.43 -27.46
CA ALA D 158 -17.49 -23.54 -26.54
C ALA D 158 -16.33 -23.19 -25.64
N TYR D 159 -15.41 -22.35 -26.14
CA TYR D 159 -14.30 -21.85 -25.35
C TYR D 159 -14.79 -20.96 -24.22
N LEU D 160 -15.56 -19.94 -24.60
CA LEU D 160 -16.06 -18.94 -23.67
C LEU D 160 -16.83 -19.48 -22.46
N GLU D 161 -17.84 -20.32 -22.71
CA GLU D 161 -18.65 -20.85 -21.61
C GLU D 161 -17.95 -21.94 -20.82
N GLY D 162 -17.24 -22.80 -21.52
CA GLY D 162 -16.60 -23.93 -20.88
C GLY D 162 -15.24 -23.55 -20.36
N GLU D 163 -14.22 -23.90 -21.12
CA GLU D 163 -12.83 -23.78 -20.70
C GLU D 163 -12.47 -22.39 -20.16
N CYS D 164 -13.10 -21.33 -20.69
CA CYS D 164 -12.75 -19.97 -20.27
C CYS D 164 -13.22 -19.62 -18.89
N VAL D 165 -14.50 -19.84 -18.63
CA VAL D 165 -15.12 -19.50 -17.35
C VAL D 165 -14.56 -20.33 -16.21
N GLU D 166 -14.45 -21.63 -16.43
CA GLU D 166 -13.96 -22.51 -15.40
C GLU D 166 -12.53 -22.12 -15.04
N TRP D 167 -11.74 -21.71 -16.04
CA TRP D 167 -10.34 -21.37 -15.79
C TRP D 167 -10.17 -19.98 -15.17
N LEU D 168 -11.19 -19.14 -15.29
CA LEU D 168 -11.20 -17.85 -14.60
C LEU D 168 -11.26 -18.06 -13.11
N ARG D 169 -12.20 -18.91 -12.70
CA ARG D 169 -12.42 -19.27 -11.31
C ARG D 169 -11.18 -19.88 -10.68
N ARG D 170 -10.46 -20.73 -11.40
CA ARG D 170 -9.26 -21.34 -10.85
C ARG D 170 -8.20 -20.29 -10.49
N TYR D 171 -7.98 -19.34 -11.40
CA TYR D 171 -6.97 -18.30 -11.19
C TYR D 171 -7.30 -17.47 -9.96
N LEU D 172 -8.58 -17.19 -9.78
CA LEU D 172 -9.06 -16.38 -8.67
C LEU D 172 -8.98 -17.13 -7.34
N LYS D 173 -8.86 -18.45 -7.41
CA LYS D 173 -8.73 -19.30 -6.22
C LYS D 173 -7.26 -19.59 -5.94
N ASN D 174 -6.43 -19.43 -6.96
CA ASN D 174 -5.00 -19.69 -6.81
C ASN D 174 -4.31 -18.47 -6.19
N GLY D 175 -4.81 -17.28 -6.54
CA GLY D 175 -4.25 -16.03 -6.06
C GLY D 175 -5.17 -15.05 -5.31
N ASN D 176 -6.23 -15.55 -4.68
CA ASN D 176 -7.25 -14.66 -4.11
C ASN D 176 -6.75 -13.73 -3.02
N ALA D 177 -5.63 -14.06 -2.40
CA ALA D 177 -5.05 -13.18 -1.39
C ALA D 177 -4.61 -11.86 -2.04
N THR D 178 -4.02 -11.96 -3.23
CA THR D 178 -3.48 -10.81 -3.94
C THR D 178 -4.42 -10.26 -5.00
N LEU D 179 -5.38 -11.08 -5.42
CA LEU D 179 -6.34 -10.67 -6.43
C LEU D 179 -7.59 -10.01 -5.85
N LEU D 180 -8.14 -10.63 -4.81
CA LEU D 180 -9.40 -10.21 -4.19
C LEU D 180 -9.25 -9.03 -3.22
N ARG D 181 -9.03 -7.83 -3.75
CA ARG D 181 -8.90 -6.62 -2.94
C ARG D 181 -9.73 -5.46 -3.48
N THR D 182 -10.20 -4.60 -2.59
CA THR D 182 -10.94 -3.40 -2.96
C THR D 182 -10.35 -2.14 -2.35
N ASP D 183 -9.84 -1.26 -3.20
CA ASP D 183 -9.23 -0.01 -2.74
C ASP D 183 -10.04 1.21 -3.14
N PRO D 184 -10.54 1.95 -2.15
CA PRO D 184 -11.28 3.17 -2.46
C PRO D 184 -10.30 4.22 -2.94
N PRO D 185 -10.73 5.12 -3.82
CA PRO D 185 -9.81 6.18 -4.20
C PRO D 185 -9.51 7.11 -3.02
N LYS D 186 -8.27 7.59 -2.93
CA LYS D 186 -7.88 8.62 -1.97
C LYS D 186 -7.78 9.94 -2.74
N ALA D 187 -8.82 10.76 -2.61
CA ALA D 187 -9.01 11.92 -3.45
C ALA D 187 -8.68 13.25 -2.77
N HIS D 188 -8.32 14.23 -3.60
CA HIS D 188 -8.08 15.60 -3.13
C HIS D 188 -7.99 16.55 -4.31
N VAL D 189 -8.02 17.85 -4.01
CA VAL D 189 -7.97 18.88 -5.02
C VAL D 189 -6.78 19.81 -4.77
N THR D 190 -6.11 20.23 -5.85
CA THR D 190 -4.95 21.13 -5.73
C THR D 190 -5.21 22.47 -6.44
N HIS D 191 -4.58 23.55 -5.94
CA HIS D 191 -4.86 24.89 -6.44
C HIS D 191 -3.67 25.52 -7.15
N HIS D 192 -3.90 26.01 -8.38
CA HIS D 192 -2.89 26.73 -9.18
C HIS D 192 -3.43 27.96 -9.92
N ARG D 193 -2.77 29.09 -9.70
CA ARG D 193 -3.10 30.34 -10.37
C ARG D 193 -2.58 30.37 -11.81
N ARG D 194 -3.16 31.25 -12.64
CA ARG D 194 -2.76 31.37 -14.04
C ARG D 194 -2.37 32.81 -14.37
N PRO D 195 -1.48 32.99 -15.38
CA PRO D 195 -1.01 34.35 -15.69
C PRO D 195 -2.15 35.29 -16.06
N GLU D 196 -3.11 34.74 -16.79
CA GLU D 196 -4.20 35.52 -17.37
C GLU D 196 -5.18 35.99 -16.31
N GLY D 197 -4.96 35.58 -15.06
CA GLY D 197 -5.79 36.06 -13.98
C GLY D 197 -6.78 35.04 -13.45
N ASP D 198 -6.78 33.85 -14.06
CA ASP D 198 -7.70 32.80 -13.62
C ASP D 198 -6.99 31.69 -12.84
N VAL D 199 -7.63 30.52 -12.72
CA VAL D 199 -7.16 29.44 -11.85
C VAL D 199 -7.43 28.06 -12.47
N THR D 200 -6.52 27.10 -12.27
CA THR D 200 -6.79 25.72 -12.69
C THR D 200 -7.01 24.81 -11.47
N LEU D 201 -8.16 24.15 -11.42
CA LEU D 201 -8.50 23.20 -10.36
C LEU D 201 -8.34 21.75 -10.80
N ARG D 202 -7.47 21.02 -10.10
CA ARG D 202 -7.23 19.62 -10.44
C ARG D 202 -7.70 18.70 -9.32
N CYS D 203 -8.53 17.71 -9.65
CA CYS D 203 -9.01 16.74 -8.69
C CYS D 203 -8.24 15.44 -8.83
N TRP D 204 -7.66 14.94 -7.74
CA TRP D 204 -6.83 13.72 -7.79
C TRP D 204 -7.49 12.49 -7.19
N ALA D 205 -7.16 11.31 -7.73
CA ALA D 205 -7.59 10.04 -7.15
C ALA D 205 -6.44 9.04 -7.14
N LEU D 206 -5.97 8.68 -5.95
CA LEU D 206 -4.73 7.90 -5.84
C LEU D 206 -4.91 6.54 -5.18
N GLY D 207 -4.16 5.55 -5.66
CA GLY D 207 -4.07 4.26 -5.00
C GLY D 207 -5.30 3.38 -5.04
N PHE D 208 -6.23 3.64 -5.97
CA PHE D 208 -7.45 2.85 -6.07
C PHE D 208 -7.33 1.59 -6.94
N TYR D 209 -8.28 0.66 -6.78
CA TYR D 209 -8.34 -0.57 -7.58
C TYR D 209 -9.72 -1.21 -7.46
N PRO D 210 -10.31 -1.70 -8.58
CA PRO D 210 -9.80 -1.73 -9.96
C PRO D 210 -9.70 -0.36 -10.62
N ALA D 211 -9.36 -0.36 -11.89
CA ALA D 211 -8.99 0.86 -12.60
C ALA D 211 -10.21 1.62 -13.09
N ASP D 212 -11.39 1.04 -12.94
CA ASP D 212 -12.60 1.74 -13.36
C ASP D 212 -13.05 2.74 -12.29
N ILE D 213 -13.21 3.98 -12.71
CA ILE D 213 -13.54 5.07 -11.80
C ILE D 213 -13.95 6.24 -12.69
N THR D 214 -14.97 6.98 -12.28
CA THR D 214 -15.31 8.17 -13.06
C THR D 214 -15.07 9.43 -12.25
N LEU D 215 -14.48 10.43 -12.90
CA LEU D 215 -14.19 11.71 -12.28
C LEU D 215 -14.88 12.80 -13.06
N THR D 216 -15.58 13.68 -12.35
CA THR D 216 -16.41 14.69 -13.00
C THR D 216 -16.44 15.96 -12.17
N TRP D 217 -16.59 17.10 -12.83
CA TRP D 217 -16.69 18.39 -12.17
C TRP D 217 -18.08 18.96 -12.45
N GLN D 218 -18.68 19.56 -11.44
CA GLN D 218 -19.99 20.16 -11.57
C GLN D 218 -20.05 21.58 -11.01
N LEU D 219 -20.69 22.47 -11.77
CA LEU D 219 -20.97 23.82 -11.30
C LEU D 219 -22.44 23.94 -10.92
N ASN D 220 -22.72 23.70 -9.63
CA ASN D 220 -24.07 23.54 -9.07
C ASN D 220 -25.04 22.67 -9.89
N GLY D 221 -24.78 21.36 -9.89
CA GLY D 221 -25.69 20.42 -10.54
C GLY D 221 -25.51 20.25 -12.04
N GLU D 222 -24.72 21.13 -12.65
CA GLU D 222 -24.43 21.00 -14.07
C GLU D 222 -23.06 20.39 -14.23
N GLU D 223 -22.98 19.37 -15.09
CA GLU D 223 -21.76 18.63 -15.31
C GLU D 223 -20.93 19.31 -16.39
N LEU D 224 -19.65 19.51 -16.11
CA LEU D 224 -18.81 20.33 -16.96
C LEU D 224 -17.95 19.45 -17.85
N THR D 225 -18.62 18.48 -18.44
CA THR D 225 -17.98 17.45 -19.25
C THR D 225 -17.08 18.00 -20.36
N GLN D 226 -17.54 19.03 -21.06
CA GLN D 226 -16.81 19.55 -22.21
C GLN D 226 -15.76 20.59 -21.84
N GLU D 227 -15.69 20.99 -20.57
CA GLU D 227 -14.65 21.92 -20.16
C GLU D 227 -13.47 21.23 -19.46
N MET D 228 -13.68 20.04 -18.93
CA MET D 228 -12.64 19.37 -18.14
C MET D 228 -11.65 18.56 -18.98
N GLU D 229 -10.42 18.43 -18.48
CA GLU D 229 -9.44 17.51 -19.06
C GLU D 229 -9.18 16.31 -18.18
N LEU D 230 -9.07 15.14 -18.80
CA LEU D 230 -9.01 13.88 -18.09
C LEU D 230 -7.87 13.03 -18.61
N VAL D 231 -6.97 12.59 -17.73
CA VAL D 231 -5.93 11.68 -18.19
C VAL D 231 -6.41 10.25 -18.09
N GLU D 232 -5.72 9.35 -18.80
CA GLU D 232 -6.14 7.96 -18.77
C GLU D 232 -5.77 7.38 -17.43
N THR D 233 -6.62 6.49 -16.93
CA THR D 233 -6.30 5.75 -15.73
C THR D 233 -4.94 5.11 -15.98
N ARG D 234 -3.98 5.40 -15.11
CA ARG D 234 -2.61 4.99 -15.34
C ARG D 234 -2.11 4.16 -14.18
N PRO D 235 -1.36 3.09 -14.49
CA PRO D 235 -0.81 2.18 -13.48
C PRO D 235 0.38 2.76 -12.72
N ALA D 236 0.40 2.53 -11.41
CA ALA D 236 1.47 3.00 -10.53
C ALA D 236 2.62 2.01 -10.43
N GLY D 237 2.40 0.79 -10.92
CA GLY D 237 3.43 -0.24 -10.87
C GLY D 237 3.56 -0.94 -9.52
N ASP D 238 2.53 -0.79 -8.68
CA ASP D 238 2.47 -1.48 -7.38
C ASP D 238 1.11 -2.15 -7.19
N GLY D 239 0.38 -2.32 -8.29
CA GLY D 239 -0.95 -2.92 -8.24
C GLY D 239 -2.08 -1.93 -8.12
N THR D 240 -1.77 -0.66 -7.90
CA THR D 240 -2.79 0.37 -7.78
C THR D 240 -2.78 1.25 -9.03
N PHE D 241 -3.83 2.06 -9.17
CA PHE D 241 -3.95 2.93 -10.33
C PHE D 241 -4.09 4.38 -9.91
N GLN D 242 -3.92 5.27 -10.87
CA GLN D 242 -4.08 6.71 -10.63
C GLN D 242 -4.94 7.35 -11.69
N LYS D 243 -5.43 8.55 -11.39
CA LYS D 243 -6.22 9.33 -12.33
C LYS D 243 -6.42 10.74 -11.78
N TRP D 244 -6.63 11.72 -12.65
CA TRP D 244 -7.05 13.04 -12.21
C TRP D 244 -7.88 13.72 -13.28
N ALA D 245 -8.58 14.78 -12.90
CA ALA D 245 -9.35 15.60 -13.84
C ALA D 245 -9.24 17.06 -13.46
N SER D 246 -9.16 17.95 -14.44
CA SER D 246 -8.97 19.37 -14.17
C SER D 246 -9.91 20.31 -14.91
N VAL D 247 -10.16 21.48 -14.30
CA VAL D 247 -10.87 22.57 -14.97
C VAL D 247 -10.15 23.91 -14.85
N VAL D 248 -10.52 24.87 -15.68
CA VAL D 248 -10.03 26.23 -15.56
C VAL D 248 -11.17 27.14 -15.16
N VAL D 249 -11.04 27.77 -13.99
CA VAL D 249 -12.13 28.54 -13.38
C VAL D 249 -11.76 29.99 -13.07
N PRO D 250 -12.76 30.87 -12.92
CA PRO D 250 -12.39 32.23 -12.54
C PRO D 250 -11.77 32.28 -11.14
N LEU D 251 -10.71 33.07 -10.99
CA LEU D 251 -10.18 33.38 -9.67
C LEU D 251 -11.30 33.99 -8.84
N GLY D 252 -11.58 33.41 -7.68
CA GLY D 252 -12.56 33.98 -6.78
C GLY D 252 -13.88 33.23 -6.72
N LYS D 253 -14.03 32.22 -7.57
CA LYS D 253 -15.29 31.50 -7.67
C LYS D 253 -15.05 30.01 -7.42
N GLU D 254 -14.06 29.71 -6.57
CA GLU D 254 -13.64 28.34 -6.34
C GLU D 254 -14.67 27.47 -5.60
N GLN D 255 -15.64 28.09 -4.94
CA GLN D 255 -16.53 27.38 -4.05
C GLN D 255 -17.84 26.95 -4.70
N LYS D 256 -17.90 27.05 -6.03
CA LYS D 256 -19.07 26.55 -6.74
C LYS D 256 -18.77 25.21 -7.42
N TYR D 257 -17.50 24.84 -7.46
CA TYR D 257 -17.10 23.67 -8.23
C TYR D 257 -16.86 22.46 -7.35
N THR D 258 -17.49 21.35 -7.72
CA THR D 258 -17.38 20.10 -6.99
C THR D 258 -16.82 19.00 -7.88
N CYS D 259 -16.03 18.13 -7.27
CA CYS D 259 -15.46 17.00 -7.96
C CYS D 259 -16.19 15.77 -7.46
N HIS D 260 -16.69 14.94 -8.35
CA HIS D 260 -17.44 13.76 -7.93
C HIS D 260 -16.65 12.51 -8.27
N VAL D 261 -16.61 11.56 -7.35
CA VAL D 261 -15.82 10.36 -7.56
C VAL D 261 -16.67 9.10 -7.44
N GLU D 262 -16.86 8.38 -8.53
CA GLU D 262 -17.55 7.10 -8.45
C GLU D 262 -16.55 5.96 -8.63
N HIS D 263 -16.66 4.97 -7.75
CA HIS D 263 -15.77 3.80 -7.71
C HIS D 263 -16.49 2.69 -6.96
N GLU D 264 -15.97 1.47 -7.05
CA GLU D 264 -16.54 0.32 -6.35
C GLU D 264 -16.45 0.44 -4.83
N GLY D 265 -15.29 0.87 -4.34
CA GLY D 265 -15.03 1.00 -2.92
C GLY D 265 -15.68 2.23 -2.33
N LEU D 266 -16.63 2.80 -3.07
CA LEU D 266 -17.36 3.97 -2.61
C LEU D 266 -18.87 3.76 -2.62
N PRO D 267 -19.45 3.34 -1.48
CA PRO D 267 -20.88 3.23 -1.24
C PRO D 267 -21.62 4.50 -1.69
N GLU D 268 -21.05 5.65 -1.40
CA GLU D 268 -21.56 6.91 -1.92
C GLU D 268 -20.43 7.67 -2.64
N PRO D 269 -20.72 8.23 -3.83
CA PRO D 269 -19.73 8.99 -4.57
C PRO D 269 -19.18 10.16 -3.75
N LEU D 270 -17.88 10.22 -3.56
CA LEU D 270 -17.28 11.29 -2.77
C LEU D 270 -17.57 12.62 -3.45
N THR D 271 -17.61 13.69 -2.67
CA THR D 271 -17.76 15.03 -3.21
C THR D 271 -16.72 15.93 -2.55
N LEU D 272 -15.98 16.69 -3.36
CA LEU D 272 -14.87 17.49 -2.89
C LEU D 272 -15.00 18.94 -3.32
N ARG D 273 -14.54 19.85 -2.46
CA ARG D 273 -14.58 21.30 -2.73
C ARG D 273 -13.27 21.97 -2.36
N TRP D 274 -13.30 23.29 -2.26
CA TRP D 274 -12.13 24.06 -1.87
C TRP D 274 -12.41 24.92 -0.62
N ILE E 2 2.42 6.98 -38.06
CA ILE E 2 1.49 6.73 -39.14
C ILE E 2 0.09 7.23 -38.78
N GLN E 3 -0.72 6.37 -38.18
CA GLN E 3 -2.11 6.71 -37.88
C GLN E 3 -2.44 7.26 -36.49
N LYS E 4 -1.79 6.78 -35.43
CA LYS E 4 -2.12 7.23 -34.07
C LYS E 4 -0.95 7.83 -33.29
N THR E 5 -1.27 8.85 -32.51
CA THR E 5 -0.28 9.61 -31.78
C THR E 5 -0.27 9.27 -30.30
N PRO E 6 0.89 8.84 -29.79
CA PRO E 6 1.07 8.39 -28.41
C PRO E 6 0.78 9.49 -27.38
N GLN E 7 0.30 9.08 -26.22
CA GLN E 7 -0.02 9.97 -25.11
C GLN E 7 0.91 9.72 -23.91
N ILE E 8 1.94 10.54 -23.77
CA ILE E 8 3.03 10.27 -22.84
C ILE E 8 2.77 10.87 -21.46
N GLN E 9 2.92 10.05 -20.43
CA GLN E 9 2.72 10.52 -19.05
C GLN E 9 3.85 10.11 -18.13
N VAL E 10 4.35 11.06 -17.34
CA VAL E 10 5.41 10.79 -16.37
C VAL E 10 4.95 11.15 -14.95
N TYR E 11 5.14 10.21 -14.02
CA TYR E 11 4.64 10.33 -12.65
C TYR E 11 5.33 9.33 -11.72
N SER E 12 5.01 9.39 -10.43
CA SER E 12 5.59 8.47 -9.45
C SER E 12 4.54 7.65 -8.68
N ARG E 13 4.97 6.54 -8.08
CA ARG E 13 4.12 5.66 -7.30
C ARG E 13 3.45 6.39 -6.15
N HIS E 14 4.26 7.06 -5.35
CA HIS E 14 3.77 7.91 -4.28
C HIS E 14 4.09 9.34 -4.68
N PRO E 15 3.26 10.31 -4.26
CA PRO E 15 3.66 11.70 -4.40
C PRO E 15 5.02 11.92 -3.75
N PRO E 16 5.92 12.60 -4.46
CA PRO E 16 7.33 12.62 -4.04
C PRO E 16 7.61 13.40 -2.76
N GLU E 17 8.58 12.91 -2.00
CA GLU E 17 9.11 13.59 -0.83
C GLU E 17 10.59 13.35 -0.87
N ASN E 18 11.36 14.45 -0.90
CA ASN E 18 12.80 14.31 -1.06
C ASN E 18 13.41 13.44 0.02
N GLY E 19 14.08 12.39 -0.44
CA GLY E 19 14.77 11.46 0.43
C GLY E 19 13.97 10.20 0.68
N LYS E 20 12.81 10.08 0.06
CA LYS E 20 11.99 8.89 0.31
C LYS E 20 11.71 8.13 -0.98
N PRO E 21 12.18 6.88 -1.04
CA PRO E 21 12.21 5.99 -2.21
C PRO E 21 10.88 5.91 -2.96
N ASN E 22 10.98 5.92 -4.28
CA ASN E 22 9.82 5.96 -5.14
C ASN E 22 10.09 5.19 -6.44
N ILE E 23 9.13 5.17 -7.34
CA ILE E 23 9.37 4.64 -8.68
C ILE E 23 8.82 5.62 -9.72
N LEU E 24 9.62 5.93 -10.73
CA LEU E 24 9.20 6.87 -11.77
C LEU E 24 8.65 6.10 -12.98
N ASN E 25 7.38 6.33 -13.32
CA ASN E 25 6.70 5.61 -14.39
C ASN E 25 6.53 6.41 -15.66
N CYS E 26 6.77 5.76 -16.80
CA CYS E 26 6.44 6.33 -18.11
C CYS E 26 5.34 5.57 -18.87
N TYR E 27 4.16 6.18 -18.96
CA TYR E 27 3.01 5.52 -19.56
C TYR E 27 2.68 6.08 -20.94
N VAL E 28 2.73 5.23 -21.96
CA VAL E 28 2.42 5.66 -23.33
C VAL E 28 1.15 4.99 -23.87
N THR E 29 0.19 5.80 -24.33
CA THR E 29 -1.11 5.27 -24.74
C THR E 29 -1.55 5.88 -26.04
N GLN E 30 -2.63 5.31 -26.59
CA GLN E 30 -3.35 5.88 -27.71
C GLN E 30 -2.50 5.97 -28.98
N PHE E 31 -1.66 4.97 -29.21
CA PHE E 31 -0.79 5.02 -30.36
C PHE E 31 -0.97 3.78 -31.22
N HIS E 32 -0.41 3.82 -32.42
CA HIS E 32 -0.50 2.73 -33.38
C HIS E 32 0.30 3.18 -34.60
N PRO E 33 1.10 2.28 -35.21
CA PRO E 33 1.35 0.86 -34.93
C PRO E 33 2.08 0.64 -33.60
N PRO E 34 2.14 -0.61 -33.10
CA PRO E 34 2.63 -0.86 -31.75
C PRO E 34 4.08 -0.53 -31.42
N HIS E 35 5.04 -0.94 -32.23
CA HIS E 35 6.42 -0.81 -31.77
C HIS E 35 6.95 0.62 -31.82
N ILE E 36 7.72 0.92 -30.78
CA ILE E 36 8.03 2.25 -30.34
C ILE E 36 9.27 2.11 -29.47
N GLU E 37 10.11 3.14 -29.37
CA GLU E 37 11.21 3.02 -28.43
C GLU E 37 11.14 4.14 -27.41
N ILE E 38 11.40 3.79 -26.16
CA ILE E 38 11.18 4.69 -25.06
C ILE E 38 12.37 4.67 -24.13
N GLN E 39 13.12 5.77 -24.06
CA GLN E 39 14.22 5.81 -23.11
C GLN E 39 13.89 6.82 -22.02
N MET E 40 14.19 6.46 -20.78
CA MET E 40 14.05 7.38 -19.67
C MET E 40 15.40 8.02 -19.41
N LEU E 41 15.40 9.33 -19.25
CA LEU E 41 16.63 10.07 -19.12
C LEU E 41 16.70 10.77 -17.78
N LYS E 42 17.86 10.69 -17.13
CA LYS E 42 18.11 11.46 -15.91
C LYS E 42 19.15 12.51 -16.19
N ASN E 43 18.73 13.78 -16.11
CA ASN E 43 19.59 14.90 -16.44
C ASN E 43 20.20 14.80 -17.83
N GLY E 44 19.48 14.16 -18.75
CA GLY E 44 19.93 14.07 -20.12
C GLY E 44 20.66 12.78 -20.35
N LYS E 45 21.10 12.15 -19.26
CA LYS E 45 21.80 10.88 -19.36
C LYS E 45 20.83 9.72 -19.27
N LYS E 46 21.21 8.63 -19.93
CA LYS E 46 20.39 7.43 -20.02
C LYS E 46 20.48 6.65 -18.71
N ILE E 47 19.39 5.99 -18.31
CA ILE E 47 19.41 5.20 -17.09
C ILE E 47 19.73 3.72 -17.37
N PRO E 48 20.77 3.19 -16.72
CA PRO E 48 21.29 1.84 -17.01
C PRO E 48 20.22 0.76 -16.84
N LYS E 49 19.45 0.84 -15.77
CA LYS E 49 18.44 -0.17 -15.51
C LYS E 49 17.02 0.41 -15.56
N VAL E 50 16.28 0.08 -16.62
CA VAL E 50 14.88 0.45 -16.74
C VAL E 50 14.07 -0.70 -17.32
N GLU E 51 12.95 -1.03 -16.69
CA GLU E 51 12.14 -2.14 -17.18
C GLU E 51 10.86 -1.71 -17.89
N MET E 52 10.47 -2.52 -18.86
CA MET E 52 9.28 -2.30 -19.65
C MET E 52 8.27 -3.38 -19.29
N SER E 53 7.05 -2.98 -18.97
CA SER E 53 6.06 -3.97 -18.58
C SER E 53 4.70 -3.64 -19.17
N ASP E 54 3.84 -4.66 -19.22
CA ASP E 54 2.43 -4.53 -19.61
C ASP E 54 2.27 -4.00 -21.05
N MET E 55 2.96 -4.64 -21.99
CA MET E 55 2.90 -4.27 -23.39
C MET E 55 1.66 -4.81 -24.10
N SER E 56 0.68 -3.94 -24.31
CA SER E 56 -0.58 -4.38 -24.88
C SER E 56 -1.40 -3.24 -25.48
N PHE E 57 -2.61 -3.58 -25.89
CA PHE E 57 -3.54 -2.61 -26.43
C PHE E 57 -4.83 -2.60 -25.64
N SER E 58 -5.47 -1.44 -25.54
CA SER E 58 -6.76 -1.35 -24.88
C SER E 58 -7.74 -1.91 -25.90
N LYS E 59 -8.96 -2.26 -25.50
CA LYS E 59 -9.85 -2.92 -26.46
C LYS E 59 -10.49 -1.82 -27.31
N ASP E 60 -9.62 -0.96 -27.83
CA ASP E 60 -9.99 0.04 -28.80
C ASP E 60 -8.93 -0.02 -29.86
N TRP E 61 -8.10 -1.04 -29.71
CA TRP E 61 -7.06 -1.43 -30.66
C TRP E 61 -5.86 -0.48 -30.54
N SER E 62 -6.06 0.60 -29.77
CA SER E 62 -5.00 1.52 -29.38
C SER E 62 -4.08 0.87 -28.35
N PHE E 63 -2.80 1.20 -28.37
CA PHE E 63 -1.81 0.48 -27.57
C PHE E 63 -1.44 1.11 -26.22
N TYR E 64 -0.76 0.31 -25.39
CA TYR E 64 -0.35 0.65 -24.03
C TYR E 64 1.06 0.12 -23.74
N ILE E 65 1.85 0.87 -22.97
CA ILE E 65 3.17 0.40 -22.55
C ILE E 65 3.70 1.25 -21.40
N LEU E 66 4.34 0.60 -20.42
CA LEU E 66 4.83 1.33 -19.26
C LEU E 66 6.34 1.16 -19.08
N ALA E 67 7.03 2.26 -18.75
CA ALA E 67 8.46 2.19 -18.44
C ALA E 67 8.76 2.74 -17.06
N HIS E 68 9.55 2.02 -16.25
CA HIS E 68 9.88 2.50 -14.92
C HIS E 68 11.28 2.17 -14.41
N THR E 69 11.72 2.92 -13.42
CA THR E 69 12.96 2.69 -12.70
C THR E 69 12.83 3.24 -11.27
N GLU E 70 13.33 2.48 -10.31
CA GLU E 70 13.34 2.84 -8.88
C GLU E 70 14.33 3.96 -8.57
N PHE E 71 13.91 4.92 -7.75
CA PHE E 71 14.76 6.05 -7.43
C PHE E 71 14.38 6.73 -6.14
N THR E 72 15.18 7.70 -5.73
CA THR E 72 14.90 8.48 -4.54
C THR E 72 14.85 9.96 -4.94
N PRO E 73 13.65 10.56 -4.85
CA PRO E 73 13.44 11.96 -5.24
C PRO E 73 14.34 12.93 -4.48
N THR E 74 15.01 13.80 -5.22
CA THR E 74 15.82 14.86 -4.64
C THR E 74 15.55 16.17 -5.40
N GLU E 75 15.90 17.28 -4.78
CA GLU E 75 15.60 18.62 -5.29
C GLU E 75 16.44 19.04 -6.53
N THR E 76 17.53 18.33 -6.79
CA THR E 76 18.51 18.76 -7.81
C THR E 76 18.51 17.92 -9.08
N ASP E 77 17.67 16.89 -9.13
CA ASP E 77 17.68 15.98 -10.26
C ASP E 77 16.55 16.29 -11.22
N THR E 78 16.84 16.11 -12.52
CA THR E 78 15.86 16.37 -13.57
C THR E 78 15.68 15.11 -14.41
N TYR E 79 14.45 14.63 -14.50
CA TYR E 79 14.18 13.38 -15.20
C TYR E 79 13.29 13.66 -16.40
N ALA E 80 13.27 12.72 -17.34
CA ALA E 80 12.50 12.89 -18.56
C ALA E 80 12.30 11.56 -19.29
N CYS E 81 11.24 11.50 -20.07
CA CYS E 81 10.91 10.33 -20.87
C CYS E 81 10.80 10.77 -22.33
N ARG E 82 11.56 10.10 -23.20
CA ARG E 82 11.57 10.44 -24.62
C ARG E 82 11.07 9.31 -25.50
N VAL E 83 10.15 9.62 -26.39
CA VAL E 83 9.47 8.61 -27.19
C VAL E 83 9.68 8.80 -28.71
N LYS E 84 10.15 7.76 -29.40
CA LYS E 84 10.25 7.80 -30.86
C LYS E 84 9.24 6.86 -31.49
N HIS E 85 8.32 7.43 -32.26
CA HIS E 85 7.27 6.68 -32.91
C HIS E 85 7.16 7.08 -34.37
N ALA E 86 6.54 6.25 -35.18
CA ALA E 86 6.38 6.56 -36.60
C ALA E 86 5.45 7.74 -36.78
N SER E 87 4.52 7.93 -35.86
CA SER E 87 3.53 8.98 -36.03
C SER E 87 4.10 10.36 -35.77
N MET E 88 5.30 10.43 -35.19
CA MET E 88 5.87 11.73 -34.94
C MET E 88 7.10 11.99 -35.77
N ALA E 89 7.08 13.13 -36.46
CA ALA E 89 8.18 13.56 -37.30
C ALA E 89 9.42 13.75 -36.42
N GLU E 90 9.20 14.30 -35.23
CA GLU E 90 10.28 14.52 -34.28
C GLU E 90 9.95 14.01 -32.89
N PRO E 91 10.95 13.36 -32.25
CA PRO E 91 10.84 12.76 -30.92
C PRO E 91 10.36 13.74 -29.86
N LYS E 92 9.23 13.47 -29.22
CA LYS E 92 8.74 14.40 -28.22
C LYS E 92 9.26 13.99 -26.84
N THR E 93 10.02 14.88 -26.24
CA THR E 93 10.56 14.65 -24.91
C THR E 93 9.70 15.34 -23.86
N VAL E 94 9.23 14.55 -22.91
CA VAL E 94 8.43 15.06 -21.79
C VAL E 94 9.25 14.96 -20.52
N TYR E 95 9.32 16.06 -19.77
CA TYR E 95 10.10 16.13 -18.55
C TYR E 95 9.18 15.84 -17.38
N TRP E 96 9.71 15.19 -16.35
CA TRP E 96 8.93 14.90 -15.17
C TRP E 96 8.45 16.18 -14.51
N ASP E 97 7.16 16.21 -14.21
CA ASP E 97 6.55 17.27 -13.41
C ASP E 97 6.33 16.72 -12.02
N ARG E 98 6.75 17.46 -11.00
CA ARG E 98 6.96 16.88 -9.67
C ARG E 98 5.69 16.74 -8.87
N ASP E 99 4.62 17.37 -9.34
CA ASP E 99 3.32 17.27 -8.71
C ASP E 99 2.34 17.70 -9.77
N MET E 100 1.06 17.79 -9.42
CA MET E 100 0.01 18.45 -10.22
C MET E 100 -1.24 18.67 -9.37
N ILE F 1 -6.11 -20.74 -19.06
CA ILE F 1 -6.09 -21.23 -20.44
C ILE F 1 -6.57 -20.18 -21.42
N GLY F 2 -5.74 -19.90 -22.42
CA GLY F 2 -6.05 -18.89 -23.40
C GLY F 2 -6.95 -19.41 -24.50
N PRO F 3 -7.38 -18.52 -25.40
CA PRO F 3 -8.21 -18.94 -26.53
C PRO F 3 -7.34 -19.56 -27.61
N GLY F 4 -7.94 -20.34 -28.48
CA GLY F 4 -7.21 -20.97 -29.57
C GLY F 4 -7.87 -20.64 -30.88
N ARG F 5 -7.07 -20.30 -31.87
CA ARG F 5 -7.57 -19.94 -33.17
C ARG F 5 -8.29 -21.10 -33.83
N ALA F 6 -7.87 -22.31 -33.49
CA ALA F 6 -8.44 -23.55 -34.01
C ALA F 6 -8.35 -23.61 -35.51
N PHE F 7 -7.30 -23.00 -36.05
CA PHE F 7 -7.02 -22.98 -37.48
C PHE F 7 -8.21 -22.49 -38.31
N TYR F 8 -9.14 -21.79 -37.65
CA TYR F 8 -10.19 -21.02 -38.32
C TYR F 8 -9.65 -19.63 -38.66
N VAL F 9 -9.07 -19.52 -39.85
CA VAL F 9 -8.41 -18.30 -40.30
C VAL F 9 -9.42 -17.35 -40.93
N ILE F 10 -9.00 -16.11 -41.15
CA ILE F 10 -9.87 -15.08 -41.70
C ILE F 10 -10.20 -15.35 -43.17
#